data_9OG2
#
_entry.id   9OG2
#
_cell.length_a   1.00
_cell.length_b   1.00
_cell.length_c   1.00
_cell.angle_alpha   90.00
_cell.angle_beta   90.00
_cell.angle_gamma   90.00
#
_symmetry.space_group_name_H-M   'P 1'
#
loop_
_entity.id
_entity.type
_entity.pdbx_description
1 polymer A28L
2 polymer 'Monoclonal antibody 12I12 heavy chain'
3 polymer 'Monoclonal antibody 12I12 light chain'
4 polymer 'Monoclonal antibody 08E11 heavy chain'
5 polymer 'Monoclonal antibody 08E11 light chain'
#
loop_
_entity_poly.entity_id
_entity_poly.type
_entity_poly.pdbx_seq_one_letter_code
_entity_poly.pdbx_strand_id
1 'polypeptide(L)'
;MANIINLWNGIVPTVQDVNVASITAFKSMIDETWDKKIEANTCISRKHRNIIHEVIRDFMKAYPKMDENRKSPLGAPMQW
LTQYYILKNEYHKTMLAYDDGSLNTKFKTLNIYMITNVGQYILYIVFCIISGKNHDGTPYIYDSEITSNDKNLINDRIKY
ACKQILHGQLTMALRIRNKFMFIGSPMYLWFNVNGSHVYHEIYDRNVGFHNKEIGRLLYAFMYYLSISGRFLNDLALLKF
TYLGESWTFSLSVPEYILYGLGYSVFDTIEKFSNDAILVYIRTNNRNGYDYAEFNKKGIVKVTEDKPDNDKRIHAIRLIN
YSSDVQHIHFGFRNTLIIDNECTSIQSSAENATDTGHHQDSKINIEGSLEVLFQGPGHHHHHHHHSAWSHPQFEKGGASG
GGGSGGSAWSNPQFEK
;
A
2 'polypeptide(L)'
;VHSQVQLQESGPGLVKPSETLSLTCTVSGGSISNYYWSWIRQPPGKGLEWIGYIYYIGTTNYNPSLKSRVTISVDTSKNQ
FSLKLSSVTAADTAVYYCARHTDSRAWYYFDYWGQGTLVTVSSASTKGP
;
B
3 'polypeptide(L)'
;VHSAIQMTQSPSSVSASVGDRVTITCRASQGISSWLAWYQQKPGKAPKLLMYDASDLQSGVPSRFSGSGSGTDFTLTISS
LQPEDFATYYCQQANSFPWTFGQGTKVEIKRTVAAPSV
;
C
4 'polypeptide(L)'
;VHSEVQLVQSGGGVVQPGRSLRLSCAASGFTFSSHGMHWVRQAPGKGLEWVAVISYDGSNEHYGDSVKGRFTISRDNSKN
TLSLQMNSLRAEDTAVYYCARPFSYGAGYYFDSWGQGALVTVSSASTKGP
;
D
5 'polypeptide(L)'
;VHSAIQMTQSPSSLSASVGDRVTITCRASQNIDSYLNWYQQKPGEAPKLLMYAASSLQSGVPSRFSGSGSGTDFTLIISS
LQREDFATYYCQQSYSTPPTFGQGTKLEIKRTVAAPSV
;
E
#
# COMPACT_ATOMS: atom_id res chain seq x y z
N VAL A 18 10.03 24.31 -15.76
CA VAL A 18 8.65 24.87 -15.90
C VAL A 18 8.38 25.89 -14.79
N ASN A 19 8.78 25.56 -13.56
CA ASN A 19 8.57 26.46 -12.42
C ASN A 19 9.77 26.29 -11.49
N VAL A 20 10.72 27.22 -11.57
CA VAL A 20 11.90 27.16 -10.71
C VAL A 20 11.65 27.81 -9.35
N ALA A 21 10.63 28.66 -9.23
CA ALA A 21 10.36 29.32 -7.96
C ALA A 21 10.02 28.31 -6.87
N SER A 22 9.23 27.30 -7.21
CA SER A 22 8.88 26.27 -6.24
C SER A 22 10.11 25.50 -5.80
N ILE A 23 11.01 25.18 -6.73
CA ILE A 23 12.24 24.47 -6.37
C ILE A 23 13.11 25.33 -5.47
N THR A 24 13.21 26.63 -5.77
CA THR A 24 14.01 27.52 -4.94
C THR A 24 13.44 27.61 -3.52
N ALA A 25 12.13 27.76 -3.40
CA ALA A 25 11.50 27.80 -2.08
C ALA A 25 11.70 26.48 -1.34
N PHE A 26 11.58 25.36 -2.05
CA PHE A 26 11.79 24.06 -1.43
C PHE A 26 13.21 23.95 -0.88
N LYS A 27 14.21 24.29 -1.71
CA LYS A 27 15.60 24.21 -1.29
C LYS A 27 15.85 25.08 -0.06
N SER A 28 15.33 26.32 -0.09
CA SER A 28 15.53 27.21 1.05
C SER A 28 14.90 26.65 2.31
N MET A 29 13.72 26.02 2.19
CA MET A 29 13.09 25.47 3.37
C MET A 29 13.80 24.22 3.89
N ILE A 30 14.41 23.41 3.02
CA ILE A 30 15.18 22.28 3.53
C ILE A 30 16.43 22.78 4.24
N ASP A 31 17.09 23.80 3.68
CA ASP A 31 18.24 24.37 4.37
C ASP A 31 17.84 24.94 5.73
N GLU A 32 16.69 25.61 5.80
CA GLU A 32 16.25 26.20 7.07
C GLU A 32 15.91 25.12 8.09
N THR A 33 15.21 24.06 7.67
CA THR A 33 14.74 23.03 8.59
C THR A 33 15.66 21.82 8.68
N TRP A 34 16.82 21.83 8.01
CA TRP A 34 17.67 20.66 8.02
C TRP A 34 18.17 20.32 9.42
N ASP A 35 18.35 21.31 10.28
CA ASP A 35 18.83 21.09 11.64
C ASP A 35 17.73 21.12 12.69
N LYS A 36 16.47 21.26 12.29
CA LYS A 36 15.36 21.35 13.23
C LYS A 36 14.92 19.94 13.63
N LYS A 37 15.17 19.58 14.88
CA LYS A 37 14.78 18.26 15.37
C LYS A 37 13.26 18.13 15.44
N ILE A 38 12.78 16.91 15.20
CA ILE A 38 11.36 16.61 15.27
C ILE A 38 11.02 16.29 16.73
N GLU A 39 10.13 17.08 17.32
CA GLU A 39 9.69 16.89 18.69
C GLU A 39 8.30 16.25 18.70
N ALA A 40 7.77 16.05 19.92
CA ALA A 40 6.51 15.34 20.07
C ALA A 40 5.34 16.06 19.43
N ASN A 41 5.37 17.40 19.36
CA ASN A 41 4.27 18.17 18.79
C ASN A 41 4.67 18.97 17.56
N THR A 42 5.81 18.66 16.94
CA THR A 42 6.23 19.41 15.78
C THR A 42 5.30 19.14 14.60
N CYS A 43 4.97 20.20 13.88
CA CYS A 43 4.11 20.12 12.71
C CYS A 43 4.71 20.99 11.61
N ILE A 44 4.41 20.63 10.36
CA ILE A 44 4.87 21.43 9.23
C ILE A 44 4.19 22.79 9.30
N SER A 45 5.00 23.85 9.22
CA SER A 45 4.44 25.19 9.21
C SER A 45 3.61 25.40 7.95
N ARG A 46 2.72 26.38 8.00
CA ARG A 46 1.89 26.68 6.83
C ARG A 46 2.73 26.98 5.61
N LYS A 47 3.81 27.75 5.79
CA LYS A 47 4.70 28.07 4.69
C LYS A 47 5.30 26.81 4.07
N HIS A 48 5.85 25.93 4.91
CA HIS A 48 6.46 24.70 4.42
C HIS A 48 5.42 23.80 3.76
N ARG A 49 4.22 23.74 4.32
CA ARG A 49 3.15 22.95 3.72
C ARG A 49 2.81 23.46 2.33
N ASN A 50 2.73 24.78 2.18
CA ASN A 50 2.44 25.34 0.86
C ASN A 50 3.59 25.10 -0.11
N ILE A 51 4.82 25.12 0.38
CA ILE A 51 5.96 24.82 -0.49
C ILE A 51 5.88 23.38 -0.99
N ILE A 52 5.54 22.45 -0.09
CA ILE A 52 5.37 21.05 -0.49
C ILE A 52 4.24 20.91 -1.51
N HIS A 53 3.13 21.59 -1.24
CA HIS A 53 1.99 21.59 -2.16
C HIS A 53 2.41 22.06 -3.55
N GLU A 54 3.13 23.17 -3.61
CA GLU A 54 3.52 23.74 -4.90
C GLU A 54 4.51 22.84 -5.62
N VAL A 55 5.47 22.25 -4.90
CA VAL A 55 6.43 21.38 -5.57
C VAL A 55 5.74 20.17 -6.15
N ILE A 56 4.82 19.56 -5.40
CA ILE A 56 4.12 18.38 -5.93
C ILE A 56 3.28 18.76 -7.15
N ARG A 57 2.50 19.83 -7.05
CA ARG A 57 1.63 20.19 -8.16
C ARG A 57 2.41 20.66 -9.39
N ASP A 58 3.58 21.26 -9.21
CA ASP A 58 4.41 21.61 -10.36
C ASP A 58 5.11 20.40 -10.96
N PHE A 59 5.49 19.43 -10.13
CA PHE A 59 5.95 18.16 -10.66
C PHE A 59 4.89 17.52 -11.53
N MET A 60 3.63 17.57 -11.08
CA MET A 60 2.54 17.02 -11.88
C MET A 60 2.37 17.81 -13.17
N LYS A 61 2.41 19.14 -13.10
CA LYS A 61 2.24 19.99 -14.28
C LYS A 61 3.41 19.88 -15.25
N ALA A 62 4.54 19.33 -14.82
CA ALA A 62 5.65 19.15 -15.75
C ALA A 62 5.27 18.29 -16.95
N TYR A 63 4.41 17.29 -16.75
CA TYR A 63 3.94 16.42 -17.84
C TYR A 63 2.42 16.41 -17.92
N PRO A 64 1.81 17.23 -18.79
CA PRO A 64 0.37 17.41 -18.74
C PRO A 64 -0.43 16.26 -19.34
N LYS A 65 0.19 15.53 -20.27
CA LYS A 65 -0.50 14.43 -20.94
C LYS A 65 0.50 13.31 -21.24
N MET A 66 -0.04 12.10 -21.34
CA MET A 66 0.74 10.93 -21.73
C MET A 66 1.18 11.04 -23.19
N ASP A 67 2.06 10.12 -23.58
CA ASP A 67 2.44 9.95 -24.97
C ASP A 67 1.56 8.89 -25.58
N GLU A 68 0.98 9.19 -26.75
CA GLU A 68 0.08 8.23 -27.38
C GLU A 68 0.79 6.93 -27.73
N ASN A 69 2.10 6.99 -27.98
CA ASN A 69 2.85 5.79 -28.30
C ASN A 69 3.00 4.85 -27.12
N ARG A 70 2.78 5.33 -25.89
CA ARG A 70 2.95 4.51 -24.70
C ARG A 70 1.84 4.78 -23.69
N LYS A 71 0.60 4.93 -24.18
CA LYS A 71 -0.52 5.23 -23.32
C LYS A 71 -1.05 3.95 -22.66
N SER A 72 -1.38 4.05 -21.38
CA SER A 72 -1.94 2.92 -20.65
C SER A 72 -3.41 2.74 -21.00
N PRO A 73 -3.84 1.57 -21.47
CA PRO A 73 -5.25 1.41 -21.86
C PRO A 73 -6.22 1.54 -20.69
N LEU A 74 -5.82 1.14 -19.48
CA LEU A 74 -6.72 1.28 -18.33
C LEU A 74 -6.96 2.75 -17.99
N GLY A 75 -5.98 3.61 -18.24
CA GLY A 75 -6.09 5.02 -17.91
C GLY A 75 -5.34 5.43 -16.66
N ALA A 76 -4.58 4.54 -16.05
CA ALA A 76 -3.82 4.89 -14.86
C ALA A 76 -2.77 5.94 -15.23
N PRO A 77 -2.49 6.90 -14.35
CA PRO A 77 -1.57 8.01 -14.71
C PRO A 77 -0.10 7.64 -14.61
N MET A 78 0.35 6.80 -15.55
CA MET A 78 1.75 6.37 -15.57
C MET A 78 2.71 7.54 -15.74
N GLN A 79 2.22 8.67 -16.25
CA GLN A 79 3.09 9.83 -16.43
C GLN A 79 3.69 10.31 -15.11
N TRP A 80 3.09 9.94 -13.98
CA TRP A 80 3.62 10.28 -12.66
C TRP A 80 3.97 9.04 -11.84
N LEU A 81 3.92 7.85 -12.44
CA LEU A 81 4.17 6.60 -11.73
C LEU A 81 5.34 5.81 -12.28
N THR A 82 5.54 5.80 -13.60
CA THR A 82 6.58 5.00 -14.24
C THR A 82 7.82 5.83 -14.49
N GLN A 83 8.98 5.16 -14.43
CA GLN A 83 10.26 5.82 -14.66
C GLN A 83 10.42 6.31 -16.09
N TYR A 84 9.71 5.71 -17.04
CA TYR A 84 9.82 6.16 -18.43
C TYR A 84 9.44 7.62 -18.57
N TYR A 85 8.52 8.10 -17.73
CA TYR A 85 8.07 9.49 -17.79
C TYR A 85 8.68 10.36 -16.70
N ILE A 86 9.04 9.79 -15.55
CA ILE A 86 9.68 10.57 -14.50
C ILE A 86 11.01 11.15 -15.01
N LEU A 87 11.80 10.33 -15.68
CA LEU A 87 13.09 10.78 -16.20
C LEU A 87 12.94 11.79 -17.33
N LYS A 88 11.76 11.92 -17.92
CA LYS A 88 11.53 12.92 -18.95
C LYS A 88 10.98 14.23 -18.40
N ASN A 89 10.61 14.26 -17.11
CA ASN A 89 10.05 15.47 -16.52
C ASN A 89 11.15 16.50 -16.32
N GLU A 90 10.94 17.70 -16.87
CA GLU A 90 11.92 18.76 -16.69
C GLU A 90 12.05 19.15 -15.22
N TYR A 91 10.93 19.12 -14.50
CA TYR A 91 10.93 19.52 -13.10
C TYR A 91 11.80 18.58 -12.26
N HIS A 92 11.67 17.28 -12.47
CA HIS A 92 12.46 16.31 -11.73
C HIS A 92 13.95 16.53 -11.95
N LYS A 93 14.35 16.70 -13.20
CA LYS A 93 15.77 16.93 -13.50
C LYS A 93 16.25 18.25 -12.91
N THR A 94 15.44 19.31 -12.99
CA THR A 94 15.86 20.58 -12.42
C THR A 94 16.01 20.50 -10.90
N MET A 95 15.14 19.74 -10.24
CA MET A 95 15.19 19.67 -8.79
C MET A 95 16.34 18.79 -8.33
N LEU A 96 16.63 17.71 -9.05
CA LEU A 96 17.75 16.86 -8.67
C LEU A 96 19.10 17.48 -9.03
N ALA A 97 19.12 18.49 -9.89
CA ALA A 97 20.35 19.17 -10.31
C ALA A 97 20.17 20.69 -10.28
N TYR A 98 19.67 21.20 -9.16
CA TYR A 98 19.37 22.63 -9.07
C TYR A 98 20.64 23.47 -9.00
N ASP A 99 21.48 23.21 -8.00
CA ASP A 99 22.68 23.99 -7.74
C ASP A 99 23.88 23.06 -7.51
N ASP A 100 24.11 22.17 -8.46
CA ASP A 100 25.09 21.09 -8.38
C ASP A 100 24.59 19.94 -7.52
N GLY A 101 23.27 19.82 -7.38
CA GLY A 101 22.68 18.70 -6.70
C GLY A 101 22.96 18.57 -5.22
N SER A 102 22.93 19.67 -4.47
CA SER A 102 23.14 19.55 -3.03
C SER A 102 21.97 18.80 -2.39
N LEU A 103 20.76 19.06 -2.87
CA LEU A 103 19.59 18.33 -2.40
C LEU A 103 19.71 16.84 -2.73
N ASN A 104 20.15 16.53 -3.96
CA ASN A 104 20.31 15.14 -4.34
C ASN A 104 21.36 14.43 -3.50
N THR A 105 22.48 15.12 -3.22
CA THR A 105 23.50 14.54 -2.35
C THR A 105 22.96 14.32 -0.95
N LYS A 106 22.18 15.27 -0.43
CA LYS A 106 21.56 15.11 0.87
C LYS A 106 20.53 13.99 0.86
N PHE A 107 19.90 13.75 -0.30
CA PHE A 107 18.89 12.70 -0.40
C PHE A 107 19.51 11.30 -0.38
N LYS A 108 20.66 11.13 -1.03
CA LYS A 108 21.30 9.83 -1.14
C LYS A 108 21.82 9.30 0.19
N THR A 109 21.57 9.99 1.31
CA THR A 109 21.96 9.51 2.62
C THR A 109 20.78 9.30 3.57
N LEU A 110 19.57 9.70 3.18
CA LEU A 110 18.40 9.60 4.03
C LEU A 110 17.76 8.22 3.91
N ASN A 111 17.07 7.83 4.98
CA ASN A 111 16.42 6.52 5.03
C ASN A 111 15.30 6.61 6.07
N ILE A 112 14.25 5.82 5.84
CA ILE A 112 13.08 5.81 6.72
C ILE A 112 13.50 5.69 8.18
N TYR A 113 14.48 4.83 8.45
CA TYR A 113 14.85 4.44 9.81
C TYR A 113 15.90 5.32 10.45
N MET A 114 16.27 6.43 9.83
CA MET A 114 17.24 7.35 10.43
C MET A 114 16.78 8.80 10.46
N ILE A 115 15.69 9.15 9.79
CA ILE A 115 15.25 10.55 9.77
C ILE A 115 14.93 11.00 11.17
N THR A 116 15.53 12.13 11.58
CA THR A 116 15.30 12.68 12.91
C THR A 116 14.90 14.15 12.80
N ASN A 117 15.31 14.81 11.73
CA ASN A 117 15.05 16.24 11.53
C ASN A 117 13.92 16.46 10.53
N VAL A 118 13.34 17.65 10.60
CA VAL A 118 12.20 18.01 9.77
C VAL A 118 12.59 18.04 8.29
N GLY A 119 13.73 18.66 7.99
CA GLY A 119 14.15 18.76 6.61
C GLY A 119 14.40 17.40 5.98
N GLN A 120 14.95 16.47 6.75
CA GLN A 120 15.14 15.12 6.24
C GLN A 120 13.81 14.46 5.92
N TYR A 121 12.84 14.59 6.82
CA TYR A 121 11.51 14.05 6.60
C TYR A 121 10.91 14.57 5.30
N ILE A 122 10.89 15.90 5.14
CA ILE A 122 10.28 16.51 3.98
C ILE A 122 11.03 16.11 2.71
N LEU A 123 12.36 16.22 2.72
CA LEU A 123 13.14 15.92 1.54
C LEU A 123 12.94 14.48 1.10
N TYR A 124 13.04 13.54 2.05
CA TYR A 124 12.91 12.14 1.68
C TYR A 124 11.54 11.85 1.10
N ILE A 125 10.48 12.33 1.75
CA ILE A 125 9.13 12.04 1.24
C ILE A 125 8.93 12.65 -0.14
N VAL A 126 9.26 13.93 -0.29
CA VAL A 126 9.00 14.62 -1.55
C VAL A 126 9.86 14.04 -2.68
N PHE A 127 11.11 13.70 -2.40
CA PHE A 127 11.97 13.18 -3.45
C PHE A 127 11.58 11.76 -3.83
N CYS A 128 11.15 10.95 -2.87
CA CYS A 128 10.62 9.64 -3.21
C CYS A 128 9.39 9.77 -4.09
N ILE A 129 8.50 10.70 -3.75
CA ILE A 129 7.27 10.88 -4.51
C ILE A 129 7.57 11.35 -5.94
N ILE A 130 8.37 12.40 -6.07
CA ILE A 130 8.60 12.99 -7.39
C ILE A 130 9.58 12.19 -8.24
N SER A 131 10.30 11.23 -7.66
CA SER A 131 11.16 10.35 -8.42
C SER A 131 10.46 9.06 -8.85
N GLY A 132 9.19 8.92 -8.53
CA GLY A 132 8.46 7.70 -8.88
C GLY A 132 9.00 6.49 -8.17
N LYS A 133 9.36 6.62 -6.90
CA LYS A 133 10.00 5.56 -6.13
C LYS A 133 9.27 5.31 -4.83
N ASN A 134 9.20 4.04 -4.44
CA ASN A 134 8.73 3.68 -3.12
C ASN A 134 9.89 3.79 -2.12
N HIS A 135 9.56 3.68 -0.84
CA HIS A 135 10.61 3.78 0.19
C HIS A 135 11.57 2.60 0.13
N ASP A 136 11.10 1.42 -0.27
CA ASP A 136 11.95 0.24 -0.36
C ASP A 136 12.76 0.18 -1.65
N GLY A 137 12.67 1.20 -2.50
CA GLY A 137 13.44 1.29 -3.72
C GLY A 137 12.75 0.85 -4.99
N THR A 138 11.75 -0.02 -4.89
CA THR A 138 11.06 -0.46 -6.10
C THR A 138 10.25 0.69 -6.68
N PRO A 139 10.12 0.77 -8.00
CA PRO A 139 9.32 1.84 -8.59
C PRO A 139 7.84 1.61 -8.37
N TYR A 140 7.06 2.69 -8.52
CA TYR A 140 5.61 2.56 -8.39
C TYR A 140 5.07 1.58 -9.42
N ILE A 141 5.40 1.79 -10.69
CA ILE A 141 4.99 0.90 -11.77
C ILE A 141 6.18 0.71 -12.69
N TYR A 142 6.48 -0.54 -13.01
CA TYR A 142 7.63 -0.84 -13.86
C TYR A 142 7.36 -0.43 -15.30
N ASP A 143 8.46 -0.18 -16.03
CA ASP A 143 8.37 0.32 -17.39
C ASP A 143 7.72 -0.67 -18.35
N SER A 144 7.70 -1.96 -18.00
CA SER A 144 7.07 -2.96 -18.85
C SER A 144 5.57 -3.08 -18.64
N GLU A 145 5.03 -2.48 -17.60
CA GLU A 145 3.61 -2.53 -17.29
C GLU A 145 2.87 -1.26 -17.70
N ILE A 146 3.54 -0.36 -18.41
CA ILE A 146 2.90 0.87 -18.84
C ILE A 146 1.76 0.57 -19.80
N THR A 147 1.97 -0.34 -20.74
CA THR A 147 0.95 -0.74 -21.71
C THR A 147 0.32 -2.08 -21.35
N SER A 148 0.20 -2.37 -20.07
CA SER A 148 -0.39 -3.62 -19.61
C SER A 148 -1.91 -3.50 -19.52
N ASN A 149 -2.57 -4.66 -19.57
CA ASN A 149 -4.02 -4.76 -19.42
C ASN A 149 -4.42 -5.47 -18.14
N ASP A 150 -3.46 -5.90 -17.33
CA ASP A 150 -3.74 -6.60 -16.07
C ASP A 150 -4.22 -5.57 -15.06
N LYS A 151 -5.53 -5.47 -14.89
CA LYS A 151 -6.10 -4.49 -13.97
C LYS A 151 -5.64 -4.74 -12.54
N ASN A 152 -5.61 -6.01 -12.12
CA ASN A 152 -5.27 -6.33 -10.74
C ASN A 152 -3.85 -5.91 -10.40
N LEU A 153 -2.90 -6.18 -11.30
CA LEU A 153 -1.50 -5.85 -11.03
C LEU A 153 -1.30 -4.34 -10.90
N ILE A 154 -1.82 -3.59 -11.87
CA ILE A 154 -1.67 -2.13 -11.84
C ILE A 154 -2.34 -1.54 -10.61
N ASN A 155 -3.56 -2.02 -10.31
CA ASN A 155 -4.28 -1.52 -9.15
C ASN A 155 -3.53 -1.81 -7.86
N ASP A 156 -2.98 -3.02 -7.74
CA ASP A 156 -2.22 -3.37 -6.54
C ASP A 156 -0.96 -2.53 -6.42
N ARG A 157 -0.29 -2.26 -7.53
CA ARG A 157 0.90 -1.41 -7.49
C ARG A 157 0.56 0.00 -6.99
N ILE A 158 -0.49 0.59 -7.56
CA ILE A 158 -0.88 1.95 -7.15
C ILE A 158 -1.33 1.97 -5.68
N LYS A 159 -2.10 0.97 -5.28
CA LYS A 159 -2.54 0.88 -3.90
C LYS A 159 -1.36 0.74 -2.95
N TYR A 160 -0.36 -0.05 -3.34
CA TYR A 160 0.84 -0.17 -2.53
C TYR A 160 1.57 1.15 -2.43
N ALA A 161 1.57 1.94 -3.51
CA ALA A 161 2.23 3.24 -3.44
C ALA A 161 1.55 4.14 -2.39
N CYS A 162 0.21 4.20 -2.41
CA CYS A 162 -0.48 4.97 -1.39
C CYS A 162 -0.17 4.45 0.01
N LYS A 163 -0.37 3.15 0.20
CA LYS A 163 -0.22 2.55 1.52
C LYS A 163 1.20 2.72 2.04
N GLN A 164 2.20 2.58 1.16
CA GLN A 164 3.58 2.69 1.62
C GLN A 164 3.93 4.13 1.97
N ILE A 165 3.43 5.12 1.23
CA ILE A 165 3.71 6.50 1.62
C ILE A 165 3.15 6.75 3.02
N LEU A 166 1.88 6.40 3.22
CA LEU A 166 1.27 6.68 4.52
C LEU A 166 1.92 5.85 5.63
N HIS A 167 2.20 4.58 5.36
CA HIS A 167 2.82 3.71 6.36
C HIS A 167 4.23 4.18 6.71
N GLY A 168 4.97 4.70 5.74
CA GLY A 168 6.28 5.23 6.04
C GLY A 168 6.21 6.45 6.93
N GLN A 169 5.26 7.34 6.64
CA GLN A 169 5.08 8.51 7.51
C GLN A 169 4.69 8.09 8.92
N LEU A 170 3.78 7.13 9.05
CA LEU A 170 3.35 6.69 10.37
C LEU A 170 4.47 5.97 11.13
N THR A 171 5.31 5.20 10.42
CA THR A 171 6.40 4.54 11.15
C THR A 171 7.45 5.55 11.60
N MET A 172 7.69 6.60 10.80
CA MET A 172 8.54 7.67 11.30
C MET A 172 7.94 8.27 12.56
N ALA A 173 6.67 8.64 12.50
CA ALA A 173 6.03 9.27 13.65
C ALA A 173 6.07 8.37 14.88
N LEU A 174 5.90 7.06 14.69
CA LEU A 174 5.96 6.15 15.83
C LEU A 174 7.36 6.06 16.40
N ARG A 175 8.38 6.01 15.55
CA ARG A 175 9.75 5.94 16.06
C ARG A 175 10.14 7.21 16.81
N ILE A 176 9.79 8.38 16.27
CA ILE A 176 10.11 9.65 16.92
C ILE A 176 9.06 10.07 17.94
N ARG A 177 7.97 9.33 18.07
CA ARG A 177 6.87 9.68 18.96
C ARG A 177 6.40 11.11 18.67
N ASN A 178 6.01 11.34 17.42
CA ASN A 178 5.66 12.67 16.94
C ASN A 178 4.21 12.71 16.49
N LYS A 179 3.58 13.85 16.73
CA LYS A 179 2.21 14.12 16.33
C LYS A 179 2.17 15.39 15.48
N PHE A 180 1.26 15.38 14.51
CA PHE A 180 0.93 16.49 13.60
C PHE A 180 1.88 16.63 12.41
N MET A 181 2.75 15.65 12.14
CA MET A 181 3.53 15.69 10.91
C MET A 181 2.78 14.91 9.85
N PHE A 182 2.64 15.52 8.66
CA PHE A 182 1.85 14.92 7.61
C PHE A 182 2.12 15.61 6.27
N ILE A 183 2.30 14.82 5.21
CA ILE A 183 2.52 15.33 3.87
C ILE A 183 1.41 14.91 2.92
N GLY A 184 0.94 13.68 3.02
CA GLY A 184 -0.19 13.19 2.24
C GLY A 184 0.22 12.59 0.91
N SER A 185 -0.63 11.69 0.42
CA SER A 185 -0.40 11.01 -0.84
C SER A 185 -1.12 11.76 -1.96
N PRO A 186 -0.43 12.17 -3.03
CA PRO A 186 -1.11 12.90 -4.10
C PRO A 186 -2.28 12.11 -4.67
N MET A 187 -3.25 12.87 -5.21
CA MET A 187 -4.50 12.27 -5.68
C MET A 187 -4.29 11.20 -6.75
N TYR A 188 -3.24 11.32 -7.57
CA TYR A 188 -3.08 10.36 -8.66
C TYR A 188 -2.76 8.96 -8.16
N LEU A 189 -2.24 8.83 -6.95
CA LEU A 189 -1.93 7.51 -6.41
C LEU A 189 -3.16 6.77 -5.93
N TRP A 190 -4.32 7.42 -5.87
CA TRP A 190 -5.56 6.81 -5.40
C TRP A 190 -6.41 6.28 -6.56
N PHE A 191 -5.77 5.85 -7.64
CA PHE A 191 -6.49 5.32 -8.79
C PHE A 191 -7.02 3.92 -8.46
N ASN A 192 -8.34 3.78 -8.45
CA ASN A 192 -9.02 2.53 -8.09
C ASN A 192 -8.63 2.06 -6.69
N VAL A 193 -8.18 2.97 -5.84
CA VAL A 193 -7.75 2.64 -4.48
C VAL A 193 -8.94 2.84 -3.56
N ASN A 194 -9.32 1.79 -2.82
CA ASN A 194 -10.40 1.87 -1.85
C ASN A 194 -9.82 2.48 -0.58
N GLY A 195 -10.25 3.70 -0.25
CA GLY A 195 -9.73 4.36 0.94
C GLY A 195 -9.93 3.54 2.20
N SER A 196 -11.08 2.87 2.31
CA SER A 196 -11.35 2.05 3.48
C SER A 196 -10.35 0.90 3.59
N HIS A 197 -10.03 0.28 2.46
CA HIS A 197 -9.11 -0.85 2.49
C HIS A 197 -7.72 -0.41 2.95
N VAL A 198 -7.23 0.72 2.44
CA VAL A 198 -5.90 1.17 2.84
C VAL A 198 -5.90 1.62 4.31
N TYR A 199 -6.96 2.32 4.74
CA TYR A 199 -7.07 2.74 6.13
C TYR A 199 -7.01 1.54 7.07
N HIS A 200 -7.82 0.53 6.81
CA HIS A 200 -7.85 -0.64 7.69
C HIS A 200 -6.59 -1.48 7.56
N GLU A 201 -6.02 -1.58 6.36
CA GLU A 201 -4.79 -2.34 6.22
C GLU A 201 -3.67 -1.70 7.03
N ILE A 202 -3.65 -0.34 7.13
CA ILE A 202 -2.58 0.44 7.83
C ILE A 202 -2.87 0.59 9.33
N TYR A 203 -4.04 0.21 9.81
CA TYR A 203 -4.39 0.46 11.24
C TYR A 203 -4.79 -0.83 11.95
N ASP A 204 -5.06 -1.91 11.24
CA ASP A 204 -5.40 -3.22 11.86
C ASP A 204 -4.16 -4.12 11.88
N ARG A 205 -3.09 -3.75 11.17
CA ARG A 205 -1.84 -4.51 11.13
C ARG A 205 -0.72 -3.85 11.93
N ASN A 206 -0.99 -2.65 12.44
CA ASN A 206 0.01 -1.86 13.22
C ASN A 206 -0.71 -1.34 14.47
N VAL A 207 -0.63 -2.05 15.60
CA VAL A 207 -1.40 -1.69 16.82
C VAL A 207 -0.82 -0.42 17.46
N GLY A 208 0.47 -0.16 17.27
CA GLY A 208 1.12 1.02 17.80
C GLY A 208 0.67 2.32 17.17
N PHE A 209 0.00 2.26 16.03
CA PHE A 209 -0.48 3.46 15.35
C PHE A 209 -1.75 4.02 15.98
N HIS A 210 -2.40 3.28 16.88
CA HIS A 210 -3.63 3.74 17.51
C HIS A 210 -3.40 4.73 18.64
N ASN A 211 -2.17 4.93 19.07
CA ASN A 211 -1.90 5.88 20.15
C ASN A 211 -2.35 7.27 19.75
N LYS A 212 -3.00 7.96 20.70
CA LYS A 212 -3.55 9.29 20.45
C LYS A 212 -2.50 10.37 20.34
N GLU A 213 -1.21 10.04 20.41
CA GLU A 213 -0.14 11.02 20.27
C GLU A 213 0.74 10.75 19.06
N ILE A 214 0.30 9.92 18.12
CA ILE A 214 1.12 9.54 16.97
C ILE A 214 0.33 9.77 15.68
N GLY A 215 0.80 10.71 14.86
CA GLY A 215 0.28 10.90 13.51
C GLY A 215 -1.22 11.13 13.38
N ARG A 216 -1.78 12.03 14.18
CA ARG A 216 -3.22 12.25 14.12
C ARG A 216 -3.65 12.98 12.86
N LEU A 217 -2.76 13.77 12.25
CA LEU A 217 -3.12 14.39 10.97
C LEU A 217 -3.28 13.31 9.90
N LEU A 218 -2.37 12.34 9.86
CA LEU A 218 -2.50 11.24 8.92
C LEU A 218 -3.74 10.41 9.24
N TYR A 219 -4.03 10.23 10.53
CA TYR A 219 -5.23 9.51 10.93
C TYR A 219 -6.48 10.21 10.39
N ALA A 220 -6.56 11.53 10.56
CA ALA A 220 -7.71 12.27 10.05
C ALA A 220 -7.80 12.18 8.54
N PHE A 221 -6.65 12.33 7.86
CA PHE A 221 -6.62 12.23 6.40
C PHE A 221 -7.20 10.90 5.93
N MET A 222 -6.69 9.78 6.45
CA MET A 222 -7.14 8.49 5.97
C MET A 222 -8.54 8.14 6.48
N TYR A 223 -8.94 8.62 7.67
CA TYR A 223 -10.30 8.40 8.12
C TYR A 223 -11.30 9.10 7.21
N TYR A 224 -11.00 10.35 6.84
CA TYR A 224 -11.87 11.07 5.93
C TYR A 224 -11.91 10.38 4.57
N LEU A 225 -10.77 9.96 4.06
CA LEU A 225 -10.74 9.26 2.78
C LEU A 225 -11.39 7.87 2.86
N SER A 226 -11.58 7.32 4.06
CA SER A 226 -12.24 6.03 4.22
C SER A 226 -13.76 6.17 4.32
N ILE A 227 -14.25 7.16 5.04
CA ILE A 227 -15.69 7.35 5.14
C ILE A 227 -16.25 7.96 3.86
N SER A 228 -15.44 8.69 3.11
CA SER A 228 -15.86 9.32 1.85
C SER A 228 -15.13 8.66 0.69
N GLY A 229 -15.89 8.09 -0.23
CA GLY A 229 -15.31 7.51 -1.43
C GLY A 229 -14.84 8.58 -2.40
N ARG A 230 -13.98 8.17 -3.34
CA ARG A 230 -13.45 9.11 -4.30
C ARG A 230 -14.51 9.57 -5.29
N PHE A 231 -15.34 8.65 -5.79
CA PHE A 231 -16.35 8.96 -6.80
C PHE A 231 -17.74 8.64 -6.25
N LEU A 232 -18.49 9.69 -5.92
CA LEU A 232 -19.88 9.59 -5.52
C LEU A 232 -20.72 10.07 -6.70
N ASN A 233 -21.44 9.15 -7.34
CA ASN A 233 -22.13 9.47 -8.59
C ASN A 233 -23.24 10.50 -8.36
N ASP A 234 -24.21 10.17 -7.51
CA ASP A 234 -25.34 11.05 -7.25
C ASP A 234 -25.35 11.62 -5.85
N LEU A 235 -24.34 11.31 -5.04
CA LEU A 235 -24.21 11.86 -3.68
C LEU A 235 -23.10 12.90 -3.60
N ALA A 236 -22.56 13.33 -4.74
CA ALA A 236 -21.55 14.38 -4.74
C ALA A 236 -22.22 15.74 -4.63
N LEU A 237 -21.58 16.63 -3.87
CA LEU A 237 -21.98 18.03 -3.79
C LEU A 237 -21.03 18.96 -4.52
N LEU A 238 -19.74 18.64 -4.56
CA LEU A 238 -18.78 19.42 -5.34
C LEU A 238 -17.68 18.50 -5.86
N LYS A 239 -17.06 18.92 -6.96
CA LYS A 239 -16.02 18.16 -7.66
C LYS A 239 -14.77 19.01 -7.83
N PHE A 240 -13.62 18.39 -7.59
CA PHE A 240 -12.33 18.95 -7.94
C PHE A 240 -11.80 18.24 -9.17
N THR A 241 -11.18 18.99 -10.08
CA THR A 241 -10.39 18.38 -11.14
C THR A 241 -9.11 19.19 -11.33
N TYR A 242 -7.99 18.48 -11.42
CA TYR A 242 -6.69 19.09 -11.71
C TYR A 242 -5.94 18.17 -12.66
N LEU A 243 -5.58 18.70 -13.82
CA LEU A 243 -4.92 17.91 -14.87
C LEU A 243 -5.73 16.67 -15.23
N GLY A 244 -7.06 16.77 -15.14
CA GLY A 244 -7.95 15.64 -15.36
C GLY A 244 -8.13 14.71 -14.19
N GLU A 245 -7.23 14.72 -13.21
CA GLU A 245 -7.38 13.86 -12.04
C GLU A 245 -8.44 14.45 -11.11
N SER A 246 -9.53 13.72 -10.90
CA SER A 246 -10.75 14.29 -10.35
C SER A 246 -11.15 13.59 -9.06
N TRP A 247 -11.87 14.33 -8.23
CA TRP A 247 -12.32 13.87 -6.92
C TRP A 247 -13.67 14.52 -6.64
N THR A 248 -14.52 13.85 -5.88
CA THR A 248 -15.81 14.40 -5.51
C THR A 248 -15.99 14.31 -4.01
N PHE A 249 -16.65 15.33 -3.45
CA PHE A 249 -16.82 15.45 -2.01
C PHE A 249 -18.29 15.68 -1.70
N SER A 250 -18.76 15.07 -0.62
CA SER A 250 -20.12 15.22 -0.14
C SER A 250 -20.16 15.85 1.24
N LEU A 251 -19.00 16.20 1.80
CA LEU A 251 -18.88 16.79 3.12
C LEU A 251 -17.93 17.97 3.03
N SER A 252 -18.00 18.83 4.04
CA SER A 252 -16.97 19.85 4.20
C SER A 252 -15.59 19.21 4.09
N VAL A 253 -14.68 19.89 3.40
CA VAL A 253 -13.40 19.33 2.99
C VAL A 253 -12.28 19.96 3.81
N PRO A 254 -11.82 19.30 4.87
CA PRO A 254 -10.81 19.93 5.72
C PRO A 254 -9.54 20.24 4.93
N GLU A 255 -8.78 21.20 5.45
CA GLU A 255 -7.57 21.62 4.78
C GLU A 255 -6.53 20.51 4.69
N TYR A 256 -6.47 19.63 5.69
CA TYR A 256 -5.51 18.54 5.59
C TYR A 256 -5.83 17.62 4.43
N ILE A 257 -7.12 17.42 4.12
CA ILE A 257 -7.47 16.59 2.97
C ILE A 257 -7.03 17.25 1.66
N LEU A 258 -7.37 18.53 1.49
CA LEU A 258 -7.00 19.22 0.27
C LEU A 258 -5.48 19.31 0.11
N TYR A 259 -4.77 19.45 1.23
CA TYR A 259 -3.31 19.57 1.16
C TYR A 259 -2.66 18.22 0.88
N GLY A 260 -3.19 17.14 1.46
CA GLY A 260 -2.65 15.82 1.17
C GLY A 260 -2.93 15.37 -0.25
N LEU A 261 -4.14 15.63 -0.74
CA LEU A 261 -4.48 15.24 -2.11
C LEU A 261 -3.78 16.11 -3.15
N GLY A 262 -3.41 17.34 -2.79
CA GLY A 262 -2.78 18.21 -3.75
C GLY A 262 -3.75 19.06 -4.54
N TYR A 263 -4.90 19.37 -3.97
CA TYR A 263 -5.93 20.18 -4.63
C TYR A 263 -5.94 21.57 -4.02
N SER A 264 -5.81 22.58 -4.86
CA SER A 264 -5.98 23.97 -4.44
C SER A 264 -7.42 24.40 -4.64
N VAL A 265 -7.85 25.38 -3.84
CA VAL A 265 -9.14 26.02 -4.04
C VAL A 265 -9.22 26.85 -5.31
N PHE A 266 -8.10 27.00 -6.02
CA PHE A 266 -8.06 27.75 -7.27
C PHE A 266 -8.17 26.83 -8.49
N ASP A 267 -8.25 25.51 -8.27
CA ASP A 267 -8.53 24.59 -9.35
C ASP A 267 -10.01 24.63 -9.71
N THR A 268 -10.37 23.90 -10.76
CA THR A 268 -11.76 23.81 -11.19
C THR A 268 -12.57 23.08 -10.13
N ILE A 269 -13.44 23.81 -9.45
CA ILE A 269 -14.46 23.24 -8.58
C ILE A 269 -15.80 23.37 -9.28
N GLU A 270 -16.52 22.26 -9.40
CA GLU A 270 -17.88 22.24 -9.93
C GLU A 270 -18.84 21.84 -8.84
N LYS A 271 -20.00 22.50 -8.80
CA LYS A 271 -20.92 22.43 -7.68
C LYS A 271 -22.26 21.89 -8.18
N PHE A 272 -22.70 20.78 -7.58
CA PHE A 272 -23.82 19.99 -8.09
C PHE A 272 -25.16 20.31 -7.43
N SER A 273 -25.16 20.98 -6.28
CA SER A 273 -26.39 21.31 -5.57
C SER A 273 -26.44 22.81 -5.31
N ASN A 274 -27.57 23.26 -4.75
CA ASN A 274 -27.79 24.67 -4.44
C ASN A 274 -27.43 25.00 -2.98
N ASP A 275 -26.48 24.27 -2.41
CA ASP A 275 -26.02 24.56 -1.06
C ASP A 275 -25.09 25.76 -1.05
N ALA A 276 -24.76 26.24 0.15
CA ALA A 276 -23.83 27.34 0.33
C ALA A 276 -22.50 26.78 0.78
N ILE A 277 -21.42 27.16 0.09
CA ILE A 277 -20.06 26.75 0.45
C ILE A 277 -19.25 27.97 0.86
N LEU A 278 -18.40 27.79 1.86
CA LEU A 278 -17.43 28.80 2.29
C LEU A 278 -16.05 28.33 1.85
N VAL A 279 -15.49 28.99 0.85
CA VAL A 279 -14.18 28.64 0.31
C VAL A 279 -13.16 29.55 1.00
N TYR A 280 -12.57 29.04 2.09
CA TYR A 280 -11.48 29.75 2.74
C TYR A 280 -10.32 29.86 1.77
N ILE A 281 -9.70 31.06 1.71
CA ILE A 281 -8.71 31.37 0.69
C ILE A 281 -7.39 31.81 1.31
N ARG A 282 -7.43 32.72 2.29
CA ARG A 282 -6.20 33.25 2.85
C ARG A 282 -6.37 33.60 4.32
N THR A 283 -5.23 33.74 4.98
CA THR A 283 -5.17 34.26 6.34
C THR A 283 -4.92 35.77 6.26
N ASN A 284 -5.66 36.53 7.05
CA ASN A 284 -5.54 37.98 7.05
C ASN A 284 -5.05 38.44 8.42
N ASN A 285 -5.06 39.75 8.63
CA ASN A 285 -4.69 40.30 9.92
C ASN A 285 -5.71 39.87 10.99
N ARG A 286 -5.45 40.30 12.22
CA ARG A 286 -6.31 40.00 13.37
C ARG A 286 -6.61 38.51 13.50
N ASN A 287 -5.66 37.67 13.06
CA ASN A 287 -5.72 36.22 13.27
C ASN A 287 -6.98 35.63 12.64
N GLY A 288 -7.40 36.12 11.47
CA GLY A 288 -8.60 35.65 10.83
C GLY A 288 -8.33 34.97 9.50
N TYR A 289 -9.43 34.56 8.86
CA TYR A 289 -9.40 33.94 7.55
C TYR A 289 -10.46 34.59 6.66
N ASP A 290 -10.15 34.68 5.38
CA ASP A 290 -11.07 35.24 4.39
C ASP A 290 -11.73 34.10 3.63
N TYR A 291 -13.04 34.21 3.42
CA TYR A 291 -13.79 33.19 2.71
C TYR A 291 -14.68 33.84 1.65
N ALA A 292 -15.04 33.02 0.66
CA ALA A 292 -16.02 33.38 -0.35
C ALA A 292 -17.24 32.49 -0.19
N GLU A 293 -18.40 33.02 -0.55
CA GLU A 293 -19.65 32.28 -0.47
C GLU A 293 -20.20 32.05 -1.87
N PHE A 294 -20.58 30.80 -2.16
CA PHE A 294 -21.18 30.43 -3.44
C PHE A 294 -22.40 29.58 -3.19
N ASN A 295 -23.48 29.88 -3.92
CA ASN A 295 -24.74 29.16 -3.80
C ASN A 295 -25.23 28.57 -5.11
N LYS A 296 -24.91 29.17 -6.25
CA LYS A 296 -25.44 28.71 -7.52
C LYS A 296 -24.78 27.42 -7.97
N LYS A 297 -25.53 26.61 -8.71
CA LYS A 297 -24.98 25.43 -9.36
C LYS A 297 -24.15 25.83 -10.56
N GLY A 298 -23.09 25.06 -10.82
CA GLY A 298 -22.19 25.34 -11.91
C GLY A 298 -20.75 25.40 -11.44
N ILE A 299 -19.90 26.14 -12.16
CA ILE A 299 -18.51 26.26 -11.75
C ILE A 299 -18.38 27.28 -10.63
N VAL A 300 -17.31 27.12 -9.84
CA VAL A 300 -16.96 28.04 -8.76
C VAL A 300 -15.67 28.72 -9.16
N LYS A 301 -15.72 30.04 -9.32
CA LYS A 301 -14.58 30.82 -9.77
C LYS A 301 -14.14 31.77 -8.66
N VAL A 302 -12.87 31.68 -8.29
CA VAL A 302 -12.26 32.56 -7.30
C VAL A 302 -11.50 33.63 -8.05
N THR A 303 -11.98 34.87 -8.01
CA THR A 303 -11.40 35.97 -8.75
C THR A 303 -10.28 36.67 -7.97
N GLU A 304 -9.95 36.21 -6.78
CA GLU A 304 -8.90 36.84 -5.98
C GLU A 304 -7.52 36.38 -6.45
N ASP A 305 -6.53 37.19 -6.11
CA ASP A 305 -5.14 36.87 -6.45
C ASP A 305 -4.64 35.70 -5.62
N LYS A 306 -3.65 35.00 -6.17
CA LYS A 306 -3.09 33.85 -5.47
C LYS A 306 -2.34 34.30 -4.22
N PRO A 307 -2.64 33.74 -3.05
CA PRO A 307 -1.94 34.16 -1.83
C PRO A 307 -0.50 33.66 -1.80
N ASP A 308 0.26 34.23 -0.86
CA ASP A 308 1.63 33.82 -0.64
C ASP A 308 1.69 32.53 0.19
N ASN A 309 2.87 31.92 0.24
CA ASN A 309 3.02 30.63 0.90
C ASN A 309 2.75 30.71 2.39
N ASP A 310 3.03 31.85 3.01
CA ASP A 310 2.84 31.99 4.46
C ASP A 310 1.39 32.23 4.87
N LYS A 311 0.48 32.48 3.93
CA LYS A 311 -0.91 32.76 4.27
C LYS A 311 -1.90 32.03 3.39
N ARG A 312 -1.46 31.13 2.52
CA ARG A 312 -2.38 30.37 1.68
C ARG A 312 -3.24 29.45 2.53
N ILE A 313 -4.48 29.25 2.07
CA ILE A 313 -5.46 28.42 2.77
C ILE A 313 -6.23 27.64 1.71
N HIS A 314 -6.55 26.38 2.01
CA HIS A 314 -7.36 25.55 1.11
C HIS A 314 -8.35 24.77 1.95
N ALA A 315 -9.61 25.21 1.97
CA ALA A 315 -10.65 24.48 2.68
C ALA A 315 -12.02 24.92 2.20
N ILE A 316 -13.00 24.02 2.31
CA ILE A 316 -14.38 24.27 1.90
C ILE A 316 -15.32 23.80 3.01
N ARG A 317 -16.28 24.64 3.37
CA ARG A 317 -17.31 24.32 4.35
C ARG A 317 -18.66 24.19 3.64
N LEU A 318 -19.38 23.10 3.92
CA LEU A 318 -20.73 22.92 3.39
C LEU A 318 -21.74 23.28 4.47
N ILE A 319 -22.59 24.25 4.18
CA ILE A 319 -23.59 24.74 5.12
C ILE A 319 -24.77 23.79 5.27
N ASN A 320 -24.99 22.88 4.32
CA ASN A 320 -26.19 22.04 4.34
C ASN A 320 -26.42 21.43 5.70
N TYR A 321 -27.70 21.27 6.05
CA TYR A 321 -28.11 20.69 7.32
C TYR A 321 -28.73 19.30 7.16
N SER A 322 -28.92 18.83 5.93
CA SER A 322 -29.49 17.51 5.67
C SER A 322 -28.36 16.48 5.53
N SER A 323 -27.63 16.30 6.64
CA SER A 323 -26.52 15.38 6.68
C SER A 323 -26.44 14.76 8.07
N ASP A 324 -25.79 13.60 8.15
CA ASP A 324 -25.60 12.94 9.43
C ASP A 324 -24.73 13.78 10.36
N VAL A 325 -25.15 13.88 11.62
CA VAL A 325 -24.40 14.62 12.62
C VAL A 325 -23.06 13.97 12.95
N GLN A 326 -22.81 12.76 12.46
CA GLN A 326 -21.56 12.08 12.75
C GLN A 326 -20.37 12.78 12.14
N HIS A 327 -20.53 13.35 10.94
CA HIS A 327 -19.42 13.95 10.21
C HIS A 327 -19.60 15.46 10.02
N ILE A 328 -20.26 16.13 10.97
CA ILE A 328 -20.40 17.58 10.87
C ILE A 328 -19.19 18.30 11.43
N HIS A 329 -18.37 17.64 12.24
CA HIS A 329 -17.21 18.28 12.84
C HIS A 329 -16.15 18.63 11.81
N PHE A 330 -16.19 17.99 10.64
CA PHE A 330 -15.22 18.31 9.59
C PHE A 330 -15.39 19.73 9.07
N GLY A 331 -16.54 20.36 9.32
CA GLY A 331 -16.77 21.72 8.90
C GLY A 331 -16.50 22.73 9.98
N PHE A 332 -16.21 22.27 11.19
CA PHE A 332 -15.93 23.20 12.29
C PHE A 332 -14.70 24.04 11.95
N ARG A 333 -14.74 25.32 12.30
CA ARG A 333 -13.71 26.24 11.86
C ARG A 333 -12.32 25.81 12.30
N ASN A 334 -12.17 25.38 13.56
CA ASN A 334 -10.86 25.03 14.07
C ASN A 334 -10.33 23.69 13.56
N THR A 335 -11.17 22.88 12.91
CA THR A 335 -10.73 21.63 12.30
C THR A 335 -10.60 21.74 10.79
N LEU A 336 -11.50 22.50 10.17
CA LEU A 336 -11.44 22.74 8.73
C LEU A 336 -10.18 23.51 8.36
N ILE A 337 -9.81 24.50 9.18
CA ILE A 337 -8.60 25.27 8.98
C ILE A 337 -7.56 24.79 9.98
N ILE A 338 -6.41 24.35 9.48
CA ILE A 338 -5.37 23.81 10.34
C ILE A 338 -4.70 24.93 11.10
N ASP A 339 -4.52 24.75 12.41
CA ASP A 339 -3.97 25.80 13.26
C ASP A 339 -2.52 26.08 12.92
N ASN A 340 -2.14 27.35 13.01
CA ASN A 340 -0.74 27.72 12.87
C ASN A 340 0.09 27.15 14.03
N GLU A 341 -0.44 27.25 15.24
CA GLU A 341 0.21 26.67 16.41
C GLU A 341 -0.03 25.17 16.39
N CYS A 342 1.04 24.38 16.42
CA CYS A 342 0.91 22.93 16.26
C CYS A 342 0.10 22.30 17.40
N THR A 343 0.26 22.81 18.62
CA THR A 343 -0.41 22.20 19.76
C THR A 343 -1.92 22.41 19.77
N SER A 344 -2.43 23.37 19.01
CA SER A 344 -3.87 23.63 18.99
C SER A 344 -4.59 22.91 17.86
N ILE A 345 -3.88 22.13 17.04
CA ILE A 345 -4.48 21.42 15.93
C ILE A 345 -5.41 20.33 16.48
N GLN A 346 -6.57 20.16 15.85
CA GLN A 346 -7.54 19.15 16.24
C GLN A 346 -7.83 18.24 15.04
N SER A 347 -7.93 16.94 15.32
CA SER A 347 -8.14 15.95 14.27
C SER A 347 -9.35 15.05 14.48
N SER A 348 -10.00 15.10 15.64
CA SER A 348 -11.13 14.20 15.93
C SER A 348 -12.28 14.99 16.54
N ALA A 349 -13.43 14.30 16.65
CA ALA A 349 -14.62 14.92 17.23
C ALA A 349 -14.50 15.14 18.72
N GLU A 350 -13.58 14.44 19.39
CA GLU A 350 -13.39 14.62 20.82
C GLU A 350 -12.70 15.92 21.15
N ASN A 351 -12.04 16.55 20.16
CA ASN A 351 -11.36 17.81 20.35
C ASN A 351 -11.87 18.92 19.44
N ALA A 352 -12.74 18.61 18.49
CA ALA A 352 -13.24 19.63 17.56
C ALA A 352 -14.04 20.68 18.31
N THR A 353 -13.90 21.93 17.84
CA THR A 353 -14.60 23.07 18.42
C THR A 353 -14.81 24.08 17.31
N ASP A 354 -15.95 24.78 17.35
CA ASP A 354 -16.33 25.73 16.31
C ASP A 354 -16.49 27.09 16.97
N THR A 355 -15.37 27.80 17.13
CA THR A 355 -15.35 29.09 17.78
C THR A 355 -14.49 30.07 16.97
N GLY A 356 -14.75 31.36 17.20
CA GLY A 356 -13.96 32.42 16.61
C GLY A 356 -14.25 32.76 15.17
N HIS A 357 -15.51 33.07 14.85
CA HIS A 357 -15.87 33.52 13.52
C HIS A 357 -15.87 35.03 13.38
N HIS A 358 -15.72 35.77 14.48
CA HIS A 358 -15.65 37.23 14.39
C HIS A 358 -14.39 37.69 13.69
N GLN A 359 -13.37 36.83 13.60
CA GLN A 359 -12.12 37.17 12.94
C GLN A 359 -12.17 36.97 11.43
N ASP A 360 -13.18 36.29 10.91
CA ASP A 360 -13.26 36.00 9.49
C ASP A 360 -13.91 37.16 8.74
N SER A 361 -13.67 37.19 7.43
CA SER A 361 -14.20 38.24 6.57
C SER A 361 -14.59 37.63 5.23
N LYS A 362 -15.58 38.24 4.59
CA LYS A 362 -16.10 37.79 3.30
C LYS A 362 -15.50 38.65 2.20
N ILE A 363 -14.96 38.01 1.17
CA ILE A 363 -14.34 38.75 0.07
C ILE A 363 -15.38 39.24 -0.92
N ASN A 364 -16.12 38.32 -1.51
CA ASN A 364 -17.11 38.68 -2.52
C ASN A 364 -18.41 39.13 -1.87
N GLN B 4 -6.53 -27.62 5.12
CA GLN B 4 -7.72 -28.26 5.72
C GLN B 4 -8.03 -27.65 7.08
N VAL B 5 -8.28 -26.35 7.11
CA VAL B 5 -8.58 -25.64 8.34
C VAL B 5 -10.06 -25.80 8.66
N GLN B 6 -10.36 -26.39 9.81
CA GLN B 6 -11.72 -26.62 10.26
C GLN B 6 -12.03 -25.71 11.45
N LEU B 7 -13.15 -25.01 11.37
CA LEU B 7 -13.60 -24.10 12.43
C LEU B 7 -14.86 -24.67 13.06
N GLN B 8 -14.90 -24.66 14.40
CA GLN B 8 -16.04 -25.18 15.14
C GLN B 8 -16.48 -24.17 16.19
N GLU B 9 -17.77 -23.82 16.16
CA GLU B 9 -18.37 -22.94 17.14
C GLU B 9 -18.79 -23.72 18.39
N SER B 10 -18.90 -23.00 19.51
CA SER B 10 -19.29 -23.59 20.78
C SER B 10 -20.07 -22.56 21.57
N GLY B 11 -20.28 -22.83 22.85
CA GLY B 11 -20.98 -21.93 23.74
C GLY B 11 -22.43 -22.32 23.96
N PRO B 12 -23.09 -21.61 24.88
CA PRO B 12 -24.49 -21.93 25.19
C PRO B 12 -25.41 -21.66 24.01
N GLY B 13 -26.46 -22.48 23.90
CA GLY B 13 -27.43 -22.34 22.84
C GLY B 13 -28.70 -21.62 23.27
N LEU B 14 -28.88 -21.45 24.58
CA LEU B 14 -30.04 -20.76 25.12
C LEU B 14 -29.57 -19.67 26.06
N VAL B 15 -29.91 -18.42 25.76
CA VAL B 15 -29.58 -17.27 26.59
C VAL B 15 -30.84 -16.44 26.81
N LYS B 16 -31.14 -16.14 28.06
CA LYS B 16 -32.33 -15.37 28.37
C LYS B 16 -32.19 -13.94 27.84
N PRO B 17 -33.30 -13.27 27.52
CA PRO B 17 -33.21 -11.92 26.99
C PRO B 17 -32.59 -10.96 28.00
N SER B 18 -31.89 -9.96 27.47
CA SER B 18 -31.19 -8.90 28.20
C SER B 18 -29.90 -9.37 28.88
N GLU B 19 -29.49 -10.62 28.72
CA GLU B 19 -28.21 -11.08 29.25
C GLU B 19 -27.17 -11.14 28.13
N THR B 20 -25.99 -11.65 28.48
CA THR B 20 -24.87 -11.77 27.54
C THR B 20 -24.95 -13.07 26.75
N LEU B 21 -24.33 -13.04 25.57
CA LEU B 21 -24.20 -14.19 24.68
C LEU B 21 -22.73 -14.45 24.43
N SER B 22 -22.30 -15.69 24.67
CA SER B 22 -20.90 -16.06 24.50
C SER B 22 -20.76 -17.13 23.43
N LEU B 23 -19.91 -16.87 22.43
CA LEU B 23 -19.64 -17.80 21.35
C LEU B 23 -18.14 -17.88 21.14
N THR B 24 -17.61 -19.11 21.17
CA THR B 24 -16.18 -19.34 20.99
C THR B 24 -15.97 -20.23 19.77
N CYS B 25 -15.05 -19.84 18.90
CA CYS B 25 -14.69 -20.61 17.72
C CYS B 25 -13.25 -21.10 17.84
N THR B 26 -13.05 -22.40 17.67
CA THR B 26 -11.75 -23.03 17.76
C THR B 26 -11.27 -23.38 16.37
N VAL B 27 -10.01 -23.08 16.07
CA VAL B 27 -9.42 -23.31 14.77
C VAL B 27 -8.50 -24.52 14.88
N SER B 28 -8.88 -25.63 14.24
CA SER B 28 -8.10 -26.84 14.20
C SER B 28 -7.50 -27.01 12.82
N GLY B 29 -6.32 -27.63 12.76
CA GLY B 29 -5.64 -27.84 11.50
C GLY B 29 -4.99 -26.60 10.92
N GLY B 30 -5.02 -25.49 11.64
CA GLY B 30 -4.42 -24.26 11.18
C GLY B 30 -4.12 -23.36 12.35
N SER B 31 -3.76 -22.11 12.04
CA SER B 31 -3.44 -21.13 13.06
C SER B 31 -4.12 -19.80 12.78
N ILE B 32 -4.28 -19.03 13.85
CA ILE B 32 -4.80 -17.66 13.76
C ILE B 32 -3.71 -16.67 13.38
N SER B 33 -2.45 -17.06 13.57
CA SER B 33 -1.31 -16.16 13.50
C SER B 33 -1.26 -15.24 12.28
N ASN B 34 -1.94 -15.56 11.17
CA ASN B 34 -1.80 -14.71 9.99
C ASN B 34 -3.08 -14.30 9.27
N TYR B 35 -4.27 -14.61 9.78
CA TYR B 35 -5.49 -14.35 9.03
C TYR B 35 -6.50 -13.55 9.83
N TYR B 36 -7.51 -13.04 9.12
CA TYR B 36 -8.64 -12.33 9.70
C TYR B 36 -9.75 -13.32 10.05
N TRP B 37 -10.37 -13.11 11.20
CA TRP B 37 -11.45 -13.95 11.68
C TRP B 37 -12.69 -13.11 11.93
N SER B 38 -13.82 -13.51 11.33
CA SER B 38 -15.05 -12.75 11.37
C SER B 38 -16.19 -13.57 11.96
N TRP B 39 -17.15 -12.87 12.56
CA TRP B 39 -18.38 -13.46 13.06
C TRP B 39 -19.54 -12.98 12.20
N ILE B 40 -20.39 -13.91 11.79
CA ILE B 40 -21.54 -13.62 10.94
C ILE B 40 -22.73 -14.35 11.54
N ARG B 41 -23.92 -13.77 11.39
CA ARG B 41 -25.14 -14.39 11.89
C ARG B 41 -26.19 -14.44 10.80
N GLN B 42 -27.06 -15.44 10.90
CA GLN B 42 -28.15 -15.65 9.94
C GLN B 42 -29.48 -15.75 10.69
N PRO B 43 -30.33 -14.72 10.63
CA PRO B 43 -31.64 -14.86 11.24
C PRO B 43 -32.41 -15.98 10.58
N PRO B 44 -33.23 -16.71 11.33
CA PRO B 44 -33.86 -17.91 10.76
C PRO B 44 -34.69 -17.63 9.52
N GLY B 45 -34.21 -18.13 8.38
CA GLY B 45 -34.91 -17.95 7.13
C GLY B 45 -34.94 -16.54 6.59
N LYS B 46 -33.97 -15.70 6.95
CA LYS B 46 -33.97 -14.30 6.54
C LYS B 46 -32.80 -13.94 5.62
N GLY B 47 -31.57 -14.21 6.04
CA GLY B 47 -30.43 -13.77 5.26
C GLY B 47 -29.15 -13.87 6.07
N LEU B 48 -28.15 -13.08 5.66
CA LEU B 48 -26.86 -13.06 6.33
C LEU B 48 -26.47 -11.62 6.66
N GLU B 49 -25.96 -11.41 7.88
CA GLU B 49 -25.54 -10.10 8.34
C GLU B 49 -24.20 -10.24 9.04
N TRP B 50 -23.24 -9.40 8.66
CA TRP B 50 -21.90 -9.44 9.22
C TRP B 50 -21.85 -8.67 10.54
N ILE B 51 -21.14 -9.23 11.52
CA ILE B 51 -21.03 -8.64 12.85
C ILE B 51 -19.72 -7.89 13.04
N GLY B 52 -18.60 -8.51 12.68
CA GLY B 52 -17.32 -7.87 12.86
C GLY B 52 -16.20 -8.86 12.61
N TYR B 53 -14.96 -8.37 12.74
CA TYR B 53 -13.79 -9.21 12.58
C TYR B 53 -12.72 -8.79 13.57
N ILE B 54 -11.79 -9.72 13.81
CA ILE B 54 -10.63 -9.49 14.66
C ILE B 54 -9.42 -10.03 13.94
N TYR B 55 -8.35 -9.24 13.90
CA TYR B 55 -7.07 -9.66 13.34
C TYR B 55 -6.23 -10.21 14.48
N TYR B 56 -5.31 -11.13 14.17
CA TYR B 56 -4.58 -11.79 15.25
C TYR B 56 -3.82 -10.81 16.12
N ILE B 57 -3.50 -9.62 15.61
CA ILE B 57 -2.80 -8.63 16.43
C ILE B 57 -3.70 -8.19 17.58
N GLY B 58 -5.00 -8.05 17.33
CA GLY B 58 -5.94 -7.66 18.35
C GLY B 58 -6.93 -6.61 17.88
N THR B 59 -6.64 -5.97 16.75
CA THR B 59 -7.52 -4.94 16.24
C THR B 59 -8.86 -5.55 15.80
N THR B 60 -9.93 -4.80 16.01
CA THR B 60 -11.27 -5.27 15.69
C THR B 60 -12.03 -4.20 14.92
N ASN B 61 -12.98 -4.65 14.12
CA ASN B 61 -13.90 -3.78 13.39
C ASN B 61 -15.31 -4.35 13.58
N TYR B 62 -16.26 -3.49 13.91
CA TYR B 62 -17.60 -3.90 14.24
C TYR B 62 -18.62 -3.28 13.30
N ASN B 63 -19.78 -3.92 13.23
CA ASN B 63 -20.88 -3.42 12.43
C ASN B 63 -21.50 -2.21 13.11
N PRO B 64 -21.61 -1.06 12.45
CA PRO B 64 -22.23 0.10 13.09
C PRO B 64 -23.64 -0.16 13.60
N SER B 65 -24.34 -1.12 13.01
CA SER B 65 -25.70 -1.43 13.45
C SER B 65 -25.73 -1.88 14.90
N LEU B 66 -24.72 -2.65 15.33
CA LEU B 66 -24.68 -3.17 16.69
C LEU B 66 -23.30 -3.03 17.32
N LYS B 67 -22.54 -2.01 16.92
CA LYS B 67 -21.20 -1.82 17.45
C LYS B 67 -21.20 -1.46 18.94
N SER B 68 -22.35 -1.03 19.47
CA SER B 68 -22.44 -0.62 20.87
C SER B 68 -22.47 -1.79 21.84
N ARG B 69 -22.62 -3.02 21.37
CA ARG B 69 -22.73 -4.16 22.28
C ARG B 69 -22.00 -5.41 21.78
N VAL B 70 -21.11 -5.29 20.80
CA VAL B 70 -20.34 -6.42 20.29
C VAL B 70 -18.92 -6.31 20.81
N THR B 71 -18.31 -7.45 21.10
CA THR B 71 -16.92 -7.48 21.54
C THR B 71 -16.30 -8.77 21.03
N ILE B 72 -15.37 -8.66 20.09
CA ILE B 72 -14.68 -9.81 19.52
C ILE B 72 -13.28 -9.85 20.12
N SER B 73 -12.88 -11.03 20.60
CA SER B 73 -11.58 -11.22 21.22
C SER B 73 -10.85 -12.37 20.54
N VAL B 74 -9.53 -12.37 20.68
CA VAL B 74 -8.68 -13.39 20.10
C VAL B 74 -7.73 -13.91 21.17
N ASP B 75 -7.38 -15.19 21.06
CA ASP B 75 -6.45 -15.84 21.98
C ASP B 75 -5.59 -16.79 21.13
N THR B 76 -4.46 -16.29 20.66
CA THR B 76 -3.60 -17.09 19.79
C THR B 76 -2.98 -18.27 20.53
N SER B 77 -2.81 -18.16 21.85
CA SER B 77 -2.22 -19.26 22.61
C SER B 77 -3.11 -20.49 22.63
N LYS B 78 -4.42 -20.31 22.47
CA LYS B 78 -5.36 -21.43 22.48
C LYS B 78 -6.03 -21.65 21.13
N ASN B 79 -5.64 -20.90 20.10
CA ASN B 79 -6.26 -21.00 18.78
C ASN B 79 -7.77 -20.85 18.87
N GLN B 80 -8.21 -19.77 19.53
CA GLN B 80 -9.63 -19.49 19.68
C GLN B 80 -9.87 -17.99 19.61
N PHE B 81 -10.94 -17.60 18.94
CA PHE B 81 -11.42 -16.23 18.95
C PHE B 81 -12.91 -16.27 19.27
N SER B 82 -13.35 -15.42 20.18
CA SER B 82 -14.71 -15.45 20.73
C SER B 82 -15.47 -14.19 20.35
N LEU B 83 -16.72 -14.15 20.80
CA LEU B 83 -17.61 -13.02 20.60
C LEU B 83 -18.52 -12.91 21.82
N LYS B 84 -18.74 -11.68 22.28
CA LYS B 84 -19.65 -11.41 23.39
C LYS B 84 -20.66 -10.37 22.95
N LEU B 85 -21.94 -10.72 23.00
CA LEU B 85 -23.04 -9.81 22.69
C LEU B 85 -23.81 -9.51 23.97
N SER B 86 -24.00 -8.23 24.25
CA SER B 86 -24.67 -7.80 25.48
C SER B 86 -26.08 -7.33 25.18
N SER B 87 -26.98 -7.58 26.13
CA SER B 87 -28.38 -7.16 26.02
C SER B 87 -29.02 -7.75 24.77
N VAL B 88 -28.93 -9.07 24.63
CA VAL B 88 -29.46 -9.72 23.43
C VAL B 88 -30.97 -9.60 23.41
N THR B 89 -31.52 -9.09 22.31
CA THR B 89 -32.95 -8.90 22.14
C THR B 89 -33.54 -10.09 21.38
N ALA B 90 -34.88 -10.09 21.28
CA ALA B 90 -35.56 -11.15 20.54
C ALA B 90 -35.14 -11.22 19.08
N ALA B 91 -34.61 -10.13 18.53
CA ALA B 91 -34.14 -10.11 17.15
C ALA B 91 -32.74 -10.69 16.98
N ASP B 92 -32.08 -11.04 18.07
CA ASP B 92 -30.72 -11.57 18.03
C ASP B 92 -30.68 -13.09 17.88
N THR B 93 -31.82 -13.75 17.76
CA THR B 93 -31.82 -15.18 17.49
C THR B 93 -31.40 -15.43 16.04
N ALA B 94 -30.41 -16.29 15.85
CA ALA B 94 -29.86 -16.56 14.54
C ALA B 94 -28.85 -17.70 14.65
N VAL B 95 -28.31 -18.10 13.51
CA VAL B 95 -27.24 -19.08 13.43
C VAL B 95 -25.93 -18.32 13.26
N TYR B 96 -25.00 -18.51 14.19
CA TYR B 96 -23.74 -17.78 14.20
C TYR B 96 -22.62 -18.62 13.61
N TYR B 97 -22.01 -18.12 12.54
CA TYR B 97 -20.90 -18.75 11.85
C TYR B 97 -19.62 -18.01 12.19
N CYS B 98 -18.55 -18.75 12.44
CA CYS B 98 -17.22 -18.18 12.63
C CYS B 98 -16.44 -18.43 11.35
N ALA B 99 -16.21 -17.38 10.58
CA ALA B 99 -15.52 -17.46 9.31
C ALA B 99 -14.08 -16.99 9.39
N ARG B 100 -13.30 -17.38 8.39
CA ARG B 100 -11.94 -16.92 8.17
C ARG B 100 -11.90 -16.24 6.81
N HIS B 101 -11.03 -15.25 6.68
CA HIS B 101 -10.96 -14.51 5.43
C HIS B 101 -9.94 -15.12 4.48
N THR B 102 -10.11 -14.78 3.20
CA THR B 102 -9.19 -15.23 2.17
C THR B 102 -7.77 -14.79 2.47
N ASP B 103 -6.85 -15.74 2.48
CA ASP B 103 -5.44 -15.47 2.76
C ASP B 103 -4.69 -15.09 1.49
N SER B 104 -5.28 -14.16 0.73
CA SER B 104 -4.78 -13.79 -0.58
C SER B 104 -4.56 -12.29 -0.64
N ARG B 105 -4.26 -11.74 -1.83
CA ARG B 105 -4.23 -10.30 -1.99
C ARG B 105 -5.55 -9.68 -1.57
N ALA B 106 -6.66 -10.39 -1.77
CA ALA B 106 -7.95 -10.02 -1.21
C ALA B 106 -8.07 -10.66 0.17
N TRP B 107 -8.35 -9.83 1.18
CA TRP B 107 -8.55 -10.28 2.55
C TRP B 107 -9.96 -10.04 3.05
N TYR B 108 -10.89 -9.68 2.18
CA TYR B 108 -12.22 -9.21 2.56
C TYR B 108 -13.34 -10.17 2.20
N TYR B 109 -13.02 -11.42 1.85
CA TYR B 109 -14.03 -12.45 1.58
C TYR B 109 -13.82 -13.63 2.50
N PHE B 110 -14.91 -14.34 2.78
CA PHE B 110 -14.93 -15.41 3.77
C PHE B 110 -14.71 -16.75 3.06
N ASP B 111 -13.51 -17.31 3.22
CA ASP B 111 -13.16 -18.55 2.54
C ASP B 111 -13.56 -19.81 3.31
N TYR B 112 -13.28 -19.86 4.61
CA TYR B 112 -13.65 -20.99 5.46
C TYR B 112 -14.73 -20.57 6.44
N TRP B 113 -15.75 -21.42 6.59
CA TRP B 113 -16.86 -21.17 7.48
C TRP B 113 -16.99 -22.32 8.48
N GLY B 114 -17.52 -22.01 9.65
CA GLY B 114 -17.76 -23.02 10.66
C GLY B 114 -19.09 -23.74 10.40
N GLN B 115 -19.45 -24.59 11.36
CA GLN B 115 -20.69 -25.35 11.24
C GLN B 115 -21.92 -24.45 11.38
N GLY B 116 -21.86 -23.49 12.31
CA GLY B 116 -22.98 -22.62 12.58
C GLY B 116 -23.79 -23.10 13.76
N THR B 117 -23.70 -22.37 14.88
CA THR B 117 -24.43 -22.72 16.09
C THR B 117 -25.64 -21.80 16.23
N LEU B 118 -26.83 -22.41 16.31
CA LEU B 118 -28.05 -21.64 16.52
C LEU B 118 -28.23 -21.37 18.01
N VAL B 119 -28.46 -20.10 18.35
CA VAL B 119 -28.72 -19.68 19.73
C VAL B 119 -30.06 -18.98 19.76
N THR B 120 -30.90 -19.35 20.73
CA THR B 120 -32.25 -18.82 20.87
C THR B 120 -32.37 -18.01 22.15
N VAL B 121 -33.19 -16.97 22.09
CA VAL B 121 -33.42 -16.10 23.24
C VAL B 121 -34.88 -16.17 23.67
N ALA C 4 -25.92 1.77 4.82
CA ALA C 4 -25.01 0.75 4.21
C ALA C 4 -25.40 0.49 2.74
N ILE C 5 -24.56 -0.26 2.04
CA ILE C 5 -24.81 -0.61 0.65
C ILE C 5 -25.80 -1.77 0.65
N GLN C 6 -27.08 -1.46 0.45
CA GLN C 6 -28.10 -2.51 0.37
C GLN C 6 -27.85 -3.40 -0.84
N MET C 7 -27.93 -4.71 -0.64
CA MET C 7 -27.74 -5.69 -1.69
C MET C 7 -29.12 -6.26 -2.03
N THR C 8 -29.56 -6.04 -3.27
CA THR C 8 -30.87 -6.51 -3.74
C THR C 8 -30.68 -7.61 -4.77
N GLN C 9 -31.30 -8.75 -4.56
CA GLN C 9 -31.20 -9.88 -5.46
C GLN C 9 -32.56 -10.18 -6.09
N SER C 10 -32.54 -10.53 -7.38
CA SER C 10 -33.74 -10.87 -8.12
C SER C 10 -33.43 -11.99 -9.10
N PRO C 11 -34.36 -12.93 -9.30
CA PRO C 11 -35.60 -13.18 -8.54
C PRO C 11 -35.31 -13.75 -7.16
N SER C 12 -36.27 -13.67 -6.24
CA SER C 12 -36.05 -14.22 -4.90
C SER C 12 -36.04 -15.75 -4.92
N SER C 13 -36.82 -16.36 -5.79
CA SER C 13 -36.75 -17.79 -6.03
C SER C 13 -36.94 -18.05 -7.52
N VAL C 14 -36.18 -19.00 -8.05
CA VAL C 14 -36.32 -19.44 -9.43
C VAL C 14 -36.28 -20.95 -9.47
N SER C 15 -37.24 -21.55 -10.18
CA SER C 15 -37.24 -22.98 -10.48
C SER C 15 -36.80 -23.16 -11.93
N ALA C 16 -35.77 -23.98 -12.14
CA ALA C 16 -35.17 -24.12 -13.46
C ALA C 16 -34.86 -25.57 -13.75
N SER C 17 -34.98 -25.92 -15.03
CA SER C 17 -34.87 -27.31 -15.45
C SER C 17 -33.42 -27.77 -15.38
N VAL C 18 -33.21 -29.04 -15.03
CA VAL C 18 -31.86 -29.59 -14.97
C VAL C 18 -31.25 -29.55 -16.36
N GLY C 19 -30.10 -28.89 -16.47
CA GLY C 19 -29.44 -28.68 -17.74
C GLY C 19 -29.74 -27.35 -18.41
N ASP C 20 -30.62 -26.55 -17.83
CA ASP C 20 -30.93 -25.22 -18.35
C ASP C 20 -29.94 -24.21 -17.77
N ARG C 21 -30.16 -22.93 -18.06
CA ARG C 21 -29.28 -21.85 -17.61
C ARG C 21 -30.01 -21.06 -16.52
N VAL C 22 -29.37 -20.93 -15.36
CA VAL C 22 -29.90 -20.17 -14.23
C VAL C 22 -29.10 -18.88 -14.12
N THR C 23 -29.79 -17.75 -14.03
CA THR C 23 -29.17 -16.44 -13.87
C THR C 23 -29.71 -15.75 -12.62
N ILE C 24 -28.80 -15.30 -11.76
CA ILE C 24 -29.11 -14.57 -10.54
C ILE C 24 -28.45 -13.21 -10.63
N THR C 25 -29.24 -12.15 -10.41
CA THR C 25 -28.74 -10.78 -10.48
C THR C 25 -28.71 -10.16 -9.07
N CYS C 26 -27.61 -9.48 -8.76
CA CYS C 26 -27.45 -8.76 -7.49
C CYS C 26 -27.11 -7.32 -7.81
N ARG C 27 -28.07 -6.42 -7.56
CA ARG C 27 -27.90 -4.99 -7.81
C ARG C 27 -27.37 -4.30 -6.56
N ALA C 28 -26.44 -3.37 -6.74
CA ALA C 28 -25.84 -2.61 -5.65
C ALA C 28 -26.50 -1.24 -5.53
N SER C 29 -26.88 -0.88 -4.30
CA SER C 29 -27.46 0.43 -4.06
C SER C 29 -26.53 1.54 -4.51
N GLN C 30 -25.25 1.44 -4.16
CA GLN C 30 -24.22 2.35 -4.63
C GLN C 30 -23.11 1.54 -5.29
N GLY C 31 -22.39 2.18 -6.20
CA GLY C 31 -21.38 1.48 -6.97
C GLY C 31 -20.26 0.84 -6.18
N ILE C 32 -20.06 -0.46 -6.41
CA ILE C 32 -18.92 -1.21 -5.89
C ILE C 32 -18.14 -1.73 -7.09
N SER C 33 -16.83 -1.52 -7.10
CA SER C 33 -16.00 -1.85 -8.24
C SER C 33 -15.38 -3.23 -8.08
N SER C 34 -16.12 -4.25 -8.53
CA SER C 34 -15.70 -5.65 -8.59
C SER C 34 -15.47 -6.31 -7.24
N TRP C 35 -15.64 -5.60 -6.13
CA TRP C 35 -15.54 -6.21 -4.82
C TRP C 35 -16.81 -6.97 -4.43
N LEU C 36 -17.27 -7.88 -5.30
CA LEU C 36 -18.44 -8.72 -5.01
C LEU C 36 -18.05 -10.20 -5.03
N ALA C 37 -18.33 -10.89 -3.94
CA ALA C 37 -18.19 -12.34 -3.83
C ALA C 37 -19.56 -13.00 -3.81
N TRP C 38 -19.67 -14.16 -4.45
CA TRP C 38 -20.90 -14.96 -4.45
C TRP C 38 -20.70 -16.22 -3.60
N TYR C 39 -21.71 -16.55 -2.80
CA TYR C 39 -21.67 -17.69 -1.91
C TYR C 39 -22.85 -18.62 -2.18
N GLN C 40 -22.60 -19.92 -2.06
CA GLN C 40 -23.62 -20.95 -2.17
C GLN C 40 -23.85 -21.56 -0.79
N GLN C 41 -25.12 -21.65 -0.37
CA GLN C 41 -25.48 -22.29 0.88
C GLN C 41 -26.51 -23.38 0.62
N LYS C 42 -26.08 -24.63 0.65
CA LYS C 42 -27.01 -25.74 0.66
C LYS C 42 -27.72 -25.79 2.02
N PRO C 43 -28.99 -26.18 2.06
CA PRO C 43 -29.72 -26.17 3.33
C PRO C 43 -29.00 -26.96 4.42
N GLY C 44 -28.87 -26.35 5.59
CA GLY C 44 -28.19 -26.96 6.71
C GLY C 44 -26.69 -26.91 6.67
N LYS C 45 -26.11 -26.18 5.71
CA LYS C 45 -24.67 -26.10 5.55
C LYS C 45 -24.24 -24.64 5.54
N ALA C 46 -22.99 -24.40 5.93
CA ALA C 46 -22.46 -23.06 5.92
C ALA C 46 -22.16 -22.61 4.49
N PRO C 47 -22.24 -21.31 4.21
CA PRO C 47 -21.92 -20.82 2.87
C PRO C 47 -20.54 -21.26 2.40
N LYS C 48 -20.46 -21.58 1.10
CA LYS C 48 -19.23 -21.89 0.41
C LYS C 48 -18.93 -20.76 -0.56
N LEU C 49 -17.71 -20.22 -0.51
CA LEU C 49 -17.31 -19.19 -1.44
C LEU C 49 -17.17 -19.77 -2.84
N LEU C 50 -18.00 -19.29 -3.77
CA LEU C 50 -17.87 -19.67 -5.17
C LEU C 50 -16.89 -18.78 -5.91
N MET C 51 -17.11 -17.46 -5.86
CA MET C 51 -16.33 -16.50 -6.61
C MET C 51 -15.97 -15.35 -5.67
N TYR C 52 -14.70 -14.95 -5.68
CA TYR C 52 -14.24 -13.93 -4.73
C TYR C 52 -14.39 -12.54 -5.32
N ASP C 53 -13.77 -12.28 -6.47
CA ASP C 53 -14.11 -11.07 -7.21
C ASP C 53 -15.30 -11.32 -8.11
N ALA C 54 -15.72 -10.29 -8.85
CA ALA C 54 -16.91 -10.39 -9.66
C ALA C 54 -16.89 -11.54 -10.66
N SER C 55 -15.70 -12.04 -11.03
CA SER C 55 -15.60 -13.06 -12.06
C SER C 55 -14.52 -14.11 -11.80
N ASP C 56 -13.91 -14.13 -10.62
CA ASP C 56 -12.77 -14.98 -10.35
C ASP C 56 -13.20 -16.16 -9.47
N LEU C 57 -12.91 -17.37 -9.94
CA LEU C 57 -13.54 -18.59 -9.45
C LEU C 57 -12.61 -19.30 -8.48
N GLN C 58 -13.15 -19.70 -7.33
CA GLN C 58 -12.36 -20.39 -6.32
C GLN C 58 -12.00 -21.80 -6.77
N SER C 59 -10.96 -22.35 -6.15
CA SER C 59 -10.65 -23.76 -6.32
C SER C 59 -11.70 -24.63 -5.67
N GLY C 60 -11.91 -25.81 -6.24
CA GLY C 60 -12.95 -26.71 -5.77
C GLY C 60 -14.34 -26.32 -6.21
N VAL C 61 -14.48 -25.55 -7.28
CA VAL C 61 -15.76 -25.06 -7.75
C VAL C 61 -15.89 -25.42 -9.24
N PRO C 62 -17.02 -25.97 -9.70
CA PRO C 62 -17.09 -26.41 -11.09
C PRO C 62 -17.14 -25.24 -12.05
N SER C 63 -16.46 -25.41 -13.19
CA SER C 63 -16.26 -24.33 -14.15
C SER C 63 -17.56 -23.80 -14.75
N ARG C 64 -18.70 -24.47 -14.51
CA ARG C 64 -19.97 -23.96 -15.02
C ARG C 64 -20.41 -22.67 -14.35
N PHE C 65 -19.80 -22.29 -13.24
CA PHE C 65 -20.13 -21.04 -12.56
C PHE C 65 -19.36 -19.89 -13.19
N SER C 66 -20.08 -18.95 -13.81
CA SER C 66 -19.50 -17.80 -14.47
C SER C 66 -19.95 -16.54 -13.77
N GLY C 67 -19.00 -15.70 -13.35
CA GLY C 67 -19.29 -14.41 -12.77
C GLY C 67 -19.09 -13.31 -13.81
N SER C 68 -19.93 -12.27 -13.73
CA SER C 68 -19.99 -11.29 -14.79
C SER C 68 -20.55 -9.99 -14.24
N GLY C 69 -20.34 -8.91 -15.00
CA GLY C 69 -20.71 -7.58 -14.59
C GLY C 69 -19.75 -6.95 -13.61
N SER C 70 -19.66 -5.62 -13.63
CA SER C 70 -18.88 -4.89 -12.65
C SER C 70 -19.51 -3.52 -12.45
N GLY C 71 -19.39 -3.00 -11.23
CA GLY C 71 -19.99 -1.72 -10.89
C GLY C 71 -21.28 -1.84 -10.12
N THR C 72 -22.38 -1.42 -10.75
CA THR C 72 -23.70 -1.50 -10.14
C THR C 72 -24.41 -2.82 -10.40
N ASP C 73 -24.18 -3.42 -11.57
CA ASP C 73 -24.90 -4.63 -11.97
C ASP C 73 -23.97 -5.84 -11.95
N PHE C 74 -24.48 -6.97 -11.47
CA PHE C 74 -23.71 -8.20 -11.38
C PHE C 74 -24.61 -9.38 -11.71
N THR C 75 -23.99 -10.47 -12.16
CA THR C 75 -24.74 -11.66 -12.57
C THR C 75 -23.91 -12.91 -12.33
N LEU C 76 -24.44 -13.84 -11.54
CA LEU C 76 -23.92 -15.20 -11.48
C LEU C 76 -24.76 -16.11 -12.37
N THR C 77 -24.09 -16.86 -13.25
CA THR C 77 -24.76 -17.74 -14.20
C THR C 77 -24.22 -19.16 -14.10
N ILE C 78 -25.13 -20.14 -14.15
CA ILE C 78 -24.78 -21.55 -14.20
C ILE C 78 -25.06 -22.04 -15.61
N SER C 79 -24.01 -22.49 -16.30
CA SER C 79 -24.15 -22.91 -17.69
C SER C 79 -25.06 -24.12 -17.83
N SER C 80 -24.90 -25.11 -16.96
CA SER C 80 -25.72 -26.32 -17.00
C SER C 80 -26.08 -26.69 -15.57
N LEU C 81 -27.34 -26.47 -15.20
CA LEU C 81 -27.79 -26.73 -13.84
C LEU C 81 -27.76 -28.23 -13.56
N GLN C 82 -27.23 -28.58 -12.38
CA GLN C 82 -27.16 -29.95 -11.90
C GLN C 82 -27.92 -30.05 -10.59
N PRO C 83 -28.45 -31.24 -10.25
CA PRO C 83 -29.17 -31.37 -8.97
C PRO C 83 -28.37 -30.97 -7.74
N GLU C 84 -27.04 -31.00 -7.84
CA GLU C 84 -26.19 -30.50 -6.75
C GLU C 84 -26.37 -29.01 -6.49
N ASP C 85 -26.83 -28.25 -7.46
CA ASP C 85 -26.89 -26.79 -7.39
C ASP C 85 -28.14 -26.26 -6.70
N PHE C 86 -29.01 -27.13 -6.16
CA PHE C 86 -30.05 -26.67 -5.27
C PHE C 86 -29.46 -26.04 -4.02
N ALA C 87 -29.55 -24.71 -3.92
CA ALA C 87 -28.99 -23.97 -2.80
C ALA C 87 -29.58 -22.57 -2.80
N THR C 88 -29.36 -21.84 -1.71
CA THR C 88 -29.51 -20.40 -1.67
C THR C 88 -28.21 -19.71 -2.03
N TYR C 89 -28.30 -18.68 -2.87
CA TYR C 89 -27.15 -17.93 -3.35
C TYR C 89 -27.18 -16.51 -2.81
N TYR C 90 -26.06 -16.07 -2.23
CA TYR C 90 -25.92 -14.76 -1.61
C TYR C 90 -24.82 -13.97 -2.31
N CYS C 91 -24.98 -12.64 -2.33
CA CYS C 91 -23.94 -11.75 -2.83
C CYS C 91 -23.46 -10.85 -1.70
N GLN C 92 -22.14 -10.80 -1.52
CA GLN C 92 -21.51 -9.98 -0.50
C GLN C 92 -20.65 -8.90 -1.15
N GLN C 93 -20.85 -7.66 -0.72
CA GLN C 93 -20.02 -6.55 -1.18
C GLN C 93 -18.97 -6.24 -0.13
N ALA C 94 -17.76 -5.90 -0.60
CA ALA C 94 -16.64 -5.55 0.29
C ALA C 94 -16.09 -4.16 0.00
N ASN C 95 -16.90 -3.29 -0.63
CA ASN C 95 -16.41 -1.96 -0.98
C ASN C 95 -16.34 -1.05 0.24
N SER C 96 -17.38 -1.06 1.07
CA SER C 96 -17.43 -0.19 2.24
C SER C 96 -17.79 -0.99 3.49
N PHE C 97 -18.03 -0.29 4.60
CA PHE C 97 -18.40 -0.94 5.84
C PHE C 97 -19.76 -0.46 6.31
N PRO C 98 -20.57 -1.33 6.93
CA PRO C 98 -20.32 -2.75 7.21
C PRO C 98 -20.47 -3.63 5.97
N TRP C 99 -19.84 -4.80 5.96
CA TRP C 99 -20.01 -5.74 4.86
C TRP C 99 -21.41 -6.31 4.91
N THR C 100 -22.16 -6.15 3.81
CA THR C 100 -23.57 -6.52 3.75
C THR C 100 -23.80 -7.62 2.72
N PHE C 101 -24.66 -8.56 3.07
CA PHE C 101 -25.10 -9.62 2.18
C PHE C 101 -26.49 -9.31 1.62
N GLY C 102 -26.76 -9.83 0.43
CA GLY C 102 -28.08 -9.70 -0.15
C GLY C 102 -29.03 -10.79 0.30
N GLN C 103 -30.32 -10.53 0.08
CA GLN C 103 -31.34 -11.54 0.34
C GLN C 103 -31.13 -12.77 -0.54
N GLY C 104 -31.03 -13.93 0.10
CA GLY C 104 -30.60 -15.13 -0.61
C GLY C 104 -31.61 -15.59 -1.64
N THR C 105 -31.18 -15.71 -2.89
CA THR C 105 -32.01 -16.29 -3.94
C THR C 105 -31.99 -17.81 -3.84
N LYS C 106 -33.16 -18.43 -3.67
CA LYS C 106 -33.26 -19.87 -3.79
C LYS C 106 -33.33 -20.30 -5.25
N VAL C 107 -32.52 -21.30 -5.61
CA VAL C 107 -32.64 -22.03 -6.87
C VAL C 107 -33.05 -23.46 -6.54
N GLU C 108 -34.13 -23.90 -7.15
CA GLU C 108 -34.65 -25.26 -6.95
C GLU C 108 -34.90 -25.91 -8.30
N ILE C 109 -34.64 -27.21 -8.38
CA ILE C 109 -34.72 -27.94 -9.64
C ILE C 109 -36.19 -28.24 -9.97
N LYS C 110 -36.55 -28.02 -11.23
CA LYS C 110 -37.90 -28.32 -11.71
C LYS C 110 -37.83 -29.55 -12.60
N GLU D 4 21.76 -8.73 15.95
CA GLU D 4 22.58 -9.02 14.74
C GLU D 4 21.70 -9.63 13.64
N VAL D 5 21.54 -8.89 12.54
CA VAL D 5 20.77 -9.39 11.41
C VAL D 5 21.35 -10.71 10.95
N GLN D 6 20.47 -11.66 10.63
CA GLN D 6 20.91 -12.99 10.20
C GLN D 6 19.79 -13.63 9.39
N LEU D 7 20.13 -14.09 8.18
CA LEU D 7 19.20 -14.76 7.29
C LEU D 7 19.66 -16.20 7.08
N VAL D 8 18.78 -17.15 7.36
CA VAL D 8 19.08 -18.58 7.21
C VAL D 8 18.14 -19.16 6.18
N GLN D 9 18.68 -19.98 5.28
CA GLN D 9 17.93 -20.53 4.15
C GLN D 9 17.93 -22.05 4.21
N SER D 10 16.85 -22.65 3.71
CA SER D 10 16.68 -24.10 3.72
C SER D 10 15.77 -24.50 2.58
N GLY D 11 15.85 -25.77 2.20
CA GLY D 11 15.11 -26.29 1.06
C GLY D 11 15.88 -26.50 -0.22
N GLY D 12 17.21 -26.51 -0.17
CA GLY D 12 17.98 -26.92 -1.32
C GLY D 12 17.96 -28.43 -1.53
N GLY D 13 18.31 -28.85 -2.74
CA GLY D 13 18.34 -30.26 -3.05
C GLY D 13 18.30 -30.52 -4.55
N VAL D 14 17.99 -31.76 -4.90
CA VAL D 14 17.87 -32.21 -6.29
C VAL D 14 16.41 -32.29 -6.69
N VAL D 15 16.10 -31.81 -7.89
CA VAL D 15 14.79 -32.00 -8.49
C VAL D 15 14.95 -32.14 -10.00
N GLN D 16 14.11 -32.99 -10.59
CA GLN D 16 14.19 -33.24 -12.03
C GLN D 16 13.71 -32.03 -12.82
N PRO D 17 14.24 -31.83 -14.03
CA PRO D 17 13.72 -30.75 -14.88
C PRO D 17 12.21 -30.81 -15.02
N GLY D 18 11.59 -29.63 -15.03
CA GLY D 18 10.15 -29.48 -15.09
C GLY D 18 9.42 -29.62 -13.77
N ARG D 19 10.08 -30.08 -12.72
CA ARG D 19 9.42 -30.28 -11.44
C ARG D 19 9.49 -29.00 -10.61
N SER D 20 9.08 -29.07 -9.34
CA SER D 20 8.94 -27.90 -8.48
C SER D 20 9.66 -28.10 -7.15
N LEU D 21 10.05 -26.98 -6.55
CA LEU D 21 10.79 -26.93 -5.30
C LEU D 21 10.35 -25.66 -4.57
N ARG D 22 10.53 -25.62 -3.24
CA ARG D 22 10.14 -24.45 -2.45
C ARG D 22 11.24 -24.08 -1.46
N LEU D 23 11.97 -23.00 -1.76
CA LEU D 23 12.98 -22.46 -0.87
C LEU D 23 12.35 -21.62 0.24
N SER D 24 13.02 -21.57 1.38
CA SER D 24 12.62 -20.76 2.52
C SER D 24 13.82 -19.97 3.04
N CYS D 25 13.52 -18.84 3.69
CA CYS D 25 14.57 -17.98 4.26
C CYS D 25 14.00 -17.37 5.54
N ALA D 26 14.36 -17.94 6.69
CA ALA D 26 13.91 -17.46 7.97
C ALA D 26 14.82 -16.34 8.46
N ALA D 27 14.26 -15.15 8.60
CA ALA D 27 14.98 -13.97 9.06
C ALA D 27 14.89 -13.84 10.58
N SER D 28 15.87 -13.14 11.15
CA SER D 28 15.91 -12.90 12.59
C SER D 28 16.77 -11.69 12.87
N GLY D 29 16.56 -11.11 14.05
CA GLY D 29 17.34 -9.98 14.51
C GLY D 29 16.89 -8.62 14.03
N PHE D 30 15.78 -8.53 13.31
CA PHE D 30 15.27 -7.24 12.86
C PHE D 30 13.78 -7.36 12.64
N THR D 31 13.13 -6.20 12.51
CA THR D 31 11.69 -6.15 12.23
C THR D 31 11.46 -6.57 10.78
N PHE D 32 11.12 -7.85 10.59
CA PHE D 32 10.90 -8.38 9.25
C PHE D 32 9.71 -7.70 8.57
N SER D 33 8.67 -7.39 9.33
CA SER D 33 7.47 -6.82 8.77
C SER D 33 7.68 -5.46 8.11
N SER D 34 8.81 -4.79 8.38
CA SER D 34 9.03 -3.45 7.83
C SER D 34 9.97 -3.41 6.63
N HIS D 35 10.84 -4.40 6.44
CA HIS D 35 11.82 -4.37 5.37
C HIS D 35 11.45 -5.34 4.25
N GLY D 36 11.58 -4.88 3.01
CA GLY D 36 11.43 -5.75 1.87
C GLY D 36 12.55 -6.78 1.81
N MET D 37 12.39 -7.77 0.96
CA MET D 37 13.39 -8.82 0.80
C MET D 37 13.57 -9.16 -0.67
N HIS D 38 14.78 -9.57 -1.02
CA HIS D 38 15.15 -9.91 -2.38
C HIS D 38 15.75 -11.32 -2.42
N TRP D 39 15.65 -11.94 -3.58
CA TRP D 39 16.33 -13.20 -3.86
C TRP D 39 17.34 -12.98 -4.99
N VAL D 40 18.54 -13.53 -4.81
CA VAL D 40 19.61 -13.49 -5.81
C VAL D 40 20.22 -14.88 -5.89
N ARG D 41 20.50 -15.33 -7.10
CA ARG D 41 21.12 -16.64 -7.32
C ARG D 41 22.47 -16.45 -8.00
N GLN D 42 23.32 -17.47 -7.86
CA GLN D 42 24.65 -17.45 -8.47
C GLN D 42 24.91 -18.81 -9.09
N ALA D 43 24.94 -18.87 -10.41
CA ALA D 43 25.27 -20.12 -11.08
C ALA D 43 26.70 -20.51 -10.72
N PRO D 44 26.99 -21.81 -10.58
CA PRO D 44 28.35 -22.20 -10.16
C PRO D 44 29.41 -21.69 -11.13
N GLY D 45 30.27 -20.81 -10.61
CA GLY D 45 31.35 -20.24 -11.41
C GLY D 45 30.96 -19.07 -12.28
N LYS D 46 29.74 -18.58 -12.18
CA LYS D 46 29.24 -17.46 -12.98
C LYS D 46 28.88 -16.30 -12.06
N GLY D 47 28.40 -15.21 -12.65
CA GLY D 47 28.09 -14.01 -11.91
C GLY D 47 26.76 -14.08 -11.19
N LEU D 48 26.56 -13.09 -10.31
CA LEU D 48 25.32 -12.95 -9.55
C LEU D 48 24.19 -12.49 -10.46
N GLU D 49 23.00 -13.03 -10.24
CA GLU D 49 21.81 -12.70 -11.00
C GLU D 49 20.65 -12.45 -10.06
N TRP D 50 19.90 -11.38 -10.33
CA TRP D 50 18.75 -11.02 -9.50
C TRP D 50 17.54 -11.87 -9.88
N VAL D 51 16.83 -12.36 -8.87
CA VAL D 51 15.69 -13.28 -9.05
C VAL D 51 14.35 -12.59 -8.82
N ALA D 52 14.12 -12.08 -7.61
CA ALA D 52 12.80 -11.52 -7.30
C ALA D 52 12.89 -10.57 -6.11
N VAL D 53 11.78 -9.86 -5.89
CA VAL D 53 11.62 -8.95 -4.76
C VAL D 53 10.19 -9.05 -4.26
N ILE D 54 10.01 -8.85 -2.95
CA ILE D 54 8.70 -8.78 -2.32
C ILE D 54 8.68 -7.59 -1.37
N SER D 55 7.56 -6.87 -1.36
CA SER D 55 7.39 -5.72 -0.48
C SER D 55 7.18 -6.18 0.97
N TYR D 56 7.22 -5.20 1.88
CA TYR D 56 7.16 -5.49 3.30
C TYR D 56 5.87 -6.22 3.70
N ASP D 57 4.77 -5.99 2.97
CA ASP D 57 3.53 -6.68 3.29
C ASP D 57 3.22 -7.85 2.35
N GLY D 58 3.75 -7.83 1.13
CA GLY D 58 3.52 -8.89 0.18
C GLY D 58 2.58 -8.55 -0.96
N SER D 59 2.16 -7.31 -1.09
CA SER D 59 1.24 -6.91 -2.15
C SER D 59 1.95 -6.40 -3.39
N ASN D 60 3.28 -6.32 -3.37
CA ASN D 60 4.05 -5.86 -4.52
C ASN D 60 5.24 -6.80 -4.70
N GLU D 61 5.42 -7.31 -5.92
CA GLU D 61 6.50 -8.24 -6.19
C GLU D 61 6.90 -8.13 -7.65
N HIS D 62 8.17 -8.44 -7.92
CA HIS D 62 8.71 -8.40 -9.28
C HIS D 62 9.72 -9.52 -9.46
N TYR D 63 9.83 -10.00 -10.69
CA TYR D 63 10.70 -11.12 -11.01
C TYR D 63 11.59 -10.77 -12.20
N GLY D 64 12.75 -11.41 -12.27
CA GLY D 64 13.63 -11.19 -13.40
C GLY D 64 12.99 -11.65 -14.70
N ASP D 65 13.46 -11.05 -15.79
CA ASP D 65 12.87 -11.35 -17.09
C ASP D 65 12.98 -12.83 -17.44
N SER D 66 14.15 -13.44 -17.17
CA SER D 66 14.33 -14.84 -17.49
C SER D 66 13.45 -15.75 -16.65
N VAL D 67 13.19 -15.38 -15.39
CA VAL D 67 12.41 -16.23 -14.49
C VAL D 67 10.95 -15.78 -14.40
N LYS D 68 10.55 -14.74 -15.12
CA LYS D 68 9.19 -14.27 -15.07
C LYS D 68 8.20 -15.38 -15.42
N GLY D 69 7.13 -15.47 -14.64
CA GLY D 69 6.07 -16.41 -14.90
C GLY D 69 6.28 -17.81 -14.36
N ARG D 70 7.40 -18.15 -13.63
CA ARG D 70 7.70 -19.47 -13.10
C ARG D 70 8.00 -19.50 -11.61
N PHE D 71 8.31 -18.35 -11.04
CA PHE D 71 8.50 -18.31 -9.59
C PHE D 71 7.47 -17.40 -8.95
N THR D 72 7.17 -17.69 -7.68
CA THR D 72 6.27 -16.88 -6.87
C THR D 72 6.92 -16.68 -5.51
N ILE D 73 7.12 -15.42 -5.13
CA ILE D 73 7.77 -15.07 -3.87
C ILE D 73 6.68 -14.67 -2.88
N SER D 74 6.75 -15.21 -1.67
CA SER D 74 5.77 -14.94 -0.65
C SER D 74 6.47 -14.73 0.69
N ARG D 75 5.76 -14.10 1.62
CA ARG D 75 6.30 -13.83 2.94
C ARG D 75 5.19 -13.98 3.97
N ASP D 76 5.57 -14.44 5.16
CA ASP D 76 4.68 -14.64 6.29
C ASP D 76 5.24 -13.79 7.42
N ASN D 77 4.62 -12.63 7.65
CA ASN D 77 5.13 -11.68 8.63
C ASN D 77 4.94 -12.14 10.07
N SER D 78 4.22 -13.22 10.31
CA SER D 78 4.07 -13.74 11.66
C SER D 78 5.19 -14.69 12.05
N LYS D 79 5.70 -15.46 11.08
CA LYS D 79 6.80 -16.38 11.29
C LYS D 79 8.15 -15.84 10.82
N ASN D 80 8.17 -14.67 10.19
CA ASN D 80 9.39 -14.11 9.64
C ASN D 80 10.03 -15.06 8.63
N THR D 81 9.23 -15.57 7.71
CA THR D 81 9.67 -16.54 6.72
C THR D 81 9.49 -15.94 5.33
N LEU D 82 10.51 -16.08 4.49
CA LEU D 82 10.49 -15.63 3.11
C LEU D 82 10.69 -16.83 2.21
N SER D 83 9.68 -17.16 1.41
CA SER D 83 9.69 -18.34 0.57
C SER D 83 9.70 -17.97 -0.91
N LEU D 84 10.34 -18.83 -1.70
CA LEU D 84 10.37 -18.72 -3.16
C LEU D 84 9.83 -20.03 -3.72
N GLN D 85 8.82 -19.95 -4.57
CA GLN D 85 8.21 -21.12 -5.19
C GLN D 85 8.82 -21.37 -6.55
N MET D 86 9.27 -22.59 -6.76
CA MET D 86 10.00 -23.02 -7.96
C MET D 86 9.08 -23.86 -8.83
N ASN D 87 8.85 -23.42 -10.06
CA ASN D 87 8.10 -24.21 -11.03
C ASN D 87 8.82 -24.19 -12.37
N SER D 88 8.58 -25.26 -13.16
CA SER D 88 9.19 -25.40 -14.48
C SER D 88 10.71 -25.23 -14.40
N LEU D 89 11.31 -25.83 -13.38
CA LEU D 89 12.74 -25.71 -13.14
C LEU D 89 13.54 -26.25 -14.32
N ARG D 90 14.40 -25.40 -14.89
CA ARG D 90 15.32 -25.79 -15.95
C ARG D 90 16.69 -26.09 -15.36
N ALA D 91 17.52 -26.77 -16.17
CA ALA D 91 18.94 -26.91 -15.84
C ALA D 91 19.62 -25.55 -15.70
N GLU D 92 19.17 -24.54 -16.46
CA GLU D 92 19.71 -23.20 -16.34
C GLU D 92 19.55 -22.61 -14.94
N ASP D 93 18.65 -23.14 -14.13
CA ASP D 93 18.35 -22.60 -12.81
C ASP D 93 19.19 -23.19 -11.69
N THR D 94 20.13 -24.09 -11.99
CA THR D 94 21.02 -24.58 -10.95
C THR D 94 21.92 -23.45 -10.47
N ALA D 95 21.87 -23.16 -9.18
CA ALA D 95 22.61 -22.04 -8.59
C ALA D 95 22.55 -22.18 -7.08
N VAL D 96 23.40 -21.42 -6.40
CA VAL D 96 23.20 -21.13 -4.98
C VAL D 96 22.29 -19.91 -4.86
N TYR D 97 21.27 -20.02 -4.02
CA TYR D 97 20.29 -18.96 -3.81
C TYR D 97 20.52 -18.30 -2.46
N TYR D 98 20.64 -16.97 -2.47
CA TYR D 98 20.78 -16.15 -1.28
C TYR D 98 19.56 -15.24 -1.15
N CYS D 99 19.08 -15.06 0.07
CA CYS D 99 18.07 -14.05 0.36
C CYS D 99 18.80 -12.83 0.92
N ALA D 100 18.65 -11.70 0.23
CA ALA D 100 19.37 -10.47 0.56
C ALA D 100 18.41 -9.39 1.03
N ARG D 101 18.62 -8.90 2.24
CA ARG D 101 17.83 -7.79 2.77
C ARG D 101 18.37 -6.47 2.24
N PRO D 102 17.53 -5.60 1.67
CA PRO D 102 18.03 -4.31 1.18
C PRO D 102 18.00 -3.21 2.22
N PHE D 103 19.06 -2.40 2.22
CA PHE D 103 19.16 -1.20 3.03
C PHE D 103 18.99 -0.03 2.08
N SER D 104 17.95 0.77 2.28
CA SER D 104 17.60 1.82 1.35
C SER D 104 18.35 3.12 1.67
N TYR D 105 18.90 3.75 0.64
CA TYR D 105 19.51 5.07 0.75
C TYR D 105 19.04 5.85 -0.46
N GLY D 106 18.42 7.00 -0.22
CA GLY D 106 17.87 7.76 -1.33
C GLY D 106 16.85 6.92 -2.09
N ALA D 107 16.88 7.01 -3.41
CA ALA D 107 16.01 6.21 -4.25
C ALA D 107 16.54 4.81 -4.51
N GLY D 108 17.78 4.53 -4.12
CA GLY D 108 18.39 3.23 -4.31
C GLY D 108 18.47 2.43 -3.03
N TYR D 109 19.24 1.34 -3.12
CA TYR D 109 19.42 0.44 -1.97
C TYR D 109 20.66 -0.41 -2.25
N TYR D 110 21.10 -1.12 -1.21
CA TYR D 110 22.21 -2.05 -1.32
C TYR D 110 21.94 -3.23 -0.40
N PHE D 111 22.41 -4.41 -0.79
CA PHE D 111 22.20 -5.61 0.00
C PHE D 111 23.19 -5.62 1.16
N ASP D 112 22.66 -5.48 2.38
CA ASP D 112 23.49 -5.43 3.58
C ASP D 112 23.53 -6.74 4.35
N SER D 113 22.64 -7.68 4.05
CA SER D 113 22.60 -8.97 4.74
C SER D 113 22.30 -10.05 3.71
N TRP D 114 23.15 -11.07 3.64
CA TRP D 114 23.01 -12.16 2.70
C TRP D 114 22.88 -13.48 3.45
N GLY D 115 22.06 -14.39 2.93
CA GLY D 115 21.93 -15.70 3.52
C GLY D 115 23.13 -16.59 3.22
N GLN D 116 23.16 -17.73 3.92
CA GLN D 116 24.25 -18.68 3.75
C GLN D 116 24.31 -19.29 2.36
N GLY D 117 23.23 -19.21 1.59
CA GLY D 117 23.16 -19.88 0.30
C GLY D 117 22.62 -21.29 0.37
N ALA D 118 21.44 -21.52 -0.21
CA ALA D 118 20.89 -22.86 -0.40
C ALA D 118 21.13 -23.30 -1.84
N LEU D 119 21.83 -24.42 -2.00
CA LEU D 119 22.13 -24.93 -3.34
C LEU D 119 20.93 -25.67 -3.92
N VAL D 120 20.55 -25.28 -5.14
CA VAL D 120 19.52 -25.96 -5.92
C VAL D 120 20.17 -26.52 -7.17
N THR D 121 20.09 -27.85 -7.32
CA THR D 121 20.65 -28.55 -8.48
C THR D 121 19.52 -29.20 -9.26
N VAL D 122 19.33 -28.77 -10.51
CA VAL D 122 18.29 -29.30 -11.38
C VAL D 122 18.86 -30.40 -12.27
N SER D 123 18.93 -31.61 -11.74
CA SER D 123 19.63 -32.71 -12.40
C SER D 123 19.03 -34.02 -11.91
N SER D 124 19.34 -35.09 -12.64
CA SER D 124 18.66 -36.37 -12.44
C SER D 124 19.66 -37.51 -12.39
N ALA E 4 16.14 -3.41 -18.95
CA ALA E 4 16.99 -3.08 -17.77
C ALA E 4 18.30 -2.42 -18.21
N ILE E 5 19.08 -1.97 -17.24
CA ILE E 5 20.37 -1.35 -17.49
C ILE E 5 21.44 -2.40 -17.29
N GLN E 6 22.24 -2.64 -18.33
CA GLN E 6 23.28 -3.66 -18.27
C GLN E 6 24.53 -3.11 -17.61
N MET E 7 25.19 -3.97 -16.84
CA MET E 7 26.44 -3.64 -16.13
C MET E 7 27.59 -4.40 -16.78
N THR E 8 28.65 -3.67 -17.12
CA THR E 8 29.85 -4.26 -17.70
C THR E 8 31.06 -3.84 -16.90
N GLN E 9 31.88 -4.79 -16.49
CA GLN E 9 33.12 -4.51 -15.78
C GLN E 9 34.32 -4.75 -16.69
N SER E 10 35.44 -4.15 -16.31
CA SER E 10 36.68 -4.32 -17.03
C SER E 10 37.84 -4.18 -16.04
N PRO E 11 38.82 -5.09 -16.05
CA PRO E 11 38.94 -6.31 -16.87
C PRO E 11 38.18 -7.48 -16.25
N SER E 12 37.93 -8.56 -17.00
CA SER E 12 37.29 -9.72 -16.41
C SER E 12 38.19 -10.34 -15.34
N SER E 13 39.49 -10.37 -15.59
CA SER E 13 40.47 -10.85 -14.63
C SER E 13 41.64 -9.88 -14.61
N LEU E 14 42.26 -9.73 -13.44
CA LEU E 14 43.38 -8.83 -13.26
C LEU E 14 44.41 -9.46 -12.36
N SER E 15 45.68 -9.32 -12.74
CA SER E 15 46.81 -9.84 -11.99
C SER E 15 47.59 -8.67 -11.41
N ALA E 16 47.74 -8.67 -10.08
CA ALA E 16 48.46 -7.61 -9.40
C ALA E 16 49.13 -8.17 -8.16
N SER E 17 50.22 -7.54 -7.76
CA SER E 17 50.99 -7.99 -6.60
C SER E 17 50.55 -7.25 -5.34
N VAL E 18 51.06 -7.71 -4.20
CA VAL E 18 50.77 -7.07 -2.93
C VAL E 18 51.34 -5.66 -2.94
N GLY E 19 50.49 -4.68 -2.62
CA GLY E 19 50.89 -3.30 -2.61
C GLY E 19 50.73 -2.56 -3.92
N ASP E 20 50.30 -3.25 -4.99
CA ASP E 20 50.09 -2.59 -6.27
C ASP E 20 48.78 -1.80 -6.26
N ARG E 21 48.50 -1.14 -7.38
CA ARG E 21 47.29 -0.34 -7.54
C ARG E 21 46.41 -0.96 -8.62
N VAL E 22 45.12 -1.11 -8.30
CA VAL E 22 44.15 -1.69 -9.23
C VAL E 22 42.98 -0.73 -9.40
N THR E 23 42.38 -0.77 -10.60
CA THR E 23 41.28 0.13 -10.96
C THR E 23 40.22 -0.67 -11.71
N ILE E 24 39.25 -1.20 -10.98
CA ILE E 24 38.15 -1.94 -11.59
C ILE E 24 37.11 -0.94 -12.06
N THR E 25 36.82 -0.95 -13.36
CA THR E 25 35.90 0.01 -13.97
C THR E 25 34.58 -0.66 -14.30
N CYS E 26 33.48 0.01 -13.94
CA CYS E 26 32.13 -0.46 -14.25
C CYS E 26 31.43 0.59 -15.09
N ARG E 27 30.86 0.17 -16.21
CA ARG E 27 30.14 1.04 -17.13
C ARG E 27 28.67 0.66 -17.14
N ALA E 28 27.81 1.66 -17.30
CA ALA E 28 26.37 1.47 -17.32
C ALA E 28 25.82 1.81 -18.70
N SER E 29 24.80 1.07 -19.12
CA SER E 29 24.17 1.34 -20.41
C SER E 29 23.49 2.71 -20.40
N GLN E 30 22.90 3.08 -19.27
CA GLN E 30 22.23 4.37 -19.12
C GLN E 30 22.69 5.01 -17.82
N ASN E 31 22.18 6.21 -17.56
CA ASN E 31 22.54 6.94 -16.35
C ASN E 31 21.94 6.25 -15.13
N ILE E 32 22.79 5.91 -14.16
CA ILE E 32 22.34 5.35 -12.89
C ILE E 32 22.43 6.35 -11.75
N ASP E 33 23.05 7.50 -11.97
CA ASP E 33 23.08 8.61 -11.02
C ASP E 33 23.60 8.20 -9.64
N SER E 34 24.88 7.84 -9.61
CA SER E 34 25.63 7.55 -8.39
C SER E 34 25.07 6.38 -7.59
N TYR E 35 24.12 5.62 -8.13
CA TYR E 35 23.56 4.49 -7.42
C TYR E 35 24.31 3.22 -7.83
N LEU E 36 25.47 3.02 -7.21
CA LEU E 36 26.30 1.86 -7.48
C LEU E 36 26.90 1.35 -6.19
N ASN E 37 26.82 0.04 -5.98
CA ASN E 37 27.36 -0.63 -4.81
C ASN E 37 28.35 -1.69 -5.27
N TRP E 38 29.52 -1.74 -4.62
CA TRP E 38 30.56 -2.70 -4.95
C TRP E 38 30.59 -3.79 -3.88
N TYR E 39 30.56 -5.05 -4.30
CA TYR E 39 30.62 -6.18 -3.40
C TYR E 39 31.87 -7.00 -3.64
N GLN E 40 32.37 -7.58 -2.56
CA GLN E 40 33.54 -8.47 -2.56
C GLN E 40 33.06 -9.85 -2.13
N GLN E 41 33.39 -10.86 -2.92
CA GLN E 41 32.99 -12.23 -2.60
C GLN E 41 34.21 -13.14 -2.64
N LYS E 42 34.62 -13.60 -1.47
CA LYS E 42 35.67 -14.59 -1.38
C LYS E 42 35.10 -15.96 -1.78
N PRO E 43 35.92 -16.87 -2.27
CA PRO E 43 35.40 -18.19 -2.67
C PRO E 43 34.73 -18.89 -1.50
N GLY E 44 33.52 -19.39 -1.74
CA GLY E 44 32.79 -20.10 -0.72
C GLY E 44 32.15 -19.22 0.34
N GLU E 45 31.75 -18.00 -0.01
CA GLU E 45 31.14 -17.10 0.95
C GLU E 45 30.17 -16.17 0.24
N ALA E 46 29.29 -15.54 1.02
CA ALA E 46 28.31 -14.62 0.48
C ALA E 46 28.95 -13.25 0.20
N PRO E 47 28.42 -12.51 -0.77
CA PRO E 47 29.00 -11.19 -1.07
C PRO E 47 28.89 -10.24 0.12
N LYS E 48 29.92 -9.40 0.27
CA LYS E 48 29.99 -8.39 1.32
C LYS E 48 30.06 -7.02 0.66
N LEU E 49 29.28 -6.07 1.18
CA LEU E 49 29.31 -4.72 0.63
C LEU E 49 30.58 -4.01 1.07
N LEU E 50 31.23 -3.33 0.11
CA LEU E 50 32.39 -2.49 0.36
C LEU E 50 32.03 -1.01 0.30
N MET E 51 31.39 -0.59 -0.77
CA MET E 51 30.97 0.79 -0.96
C MET E 51 29.47 0.80 -1.22
N TYR E 52 28.73 1.55 -0.42
CA TYR E 52 27.28 1.59 -0.52
C TYR E 52 26.80 2.67 -1.49
N ALA E 53 27.72 3.44 -2.07
CA ALA E 53 27.40 4.41 -3.11
C ALA E 53 28.71 4.77 -3.78
N ALA E 54 28.59 5.49 -4.90
CA ALA E 54 29.78 5.94 -5.60
C ALA E 54 30.60 6.85 -4.69
N SER E 55 31.84 6.46 -4.42
CA SER E 55 32.75 7.18 -3.52
C SER E 55 32.20 7.27 -2.10
N SER E 56 31.52 6.20 -1.66
CA SER E 56 30.97 6.13 -0.31
C SER E 56 31.31 4.78 0.30
N LEU E 57 31.90 4.80 1.50
CA LEU E 57 32.40 3.62 2.15
C LEU E 57 31.41 3.07 3.18
N GLN E 58 31.53 1.78 3.46
CA GLN E 58 30.74 1.10 4.46
C GLN E 58 31.55 0.97 5.75
N SER E 59 30.84 0.91 6.87
CA SER E 59 31.51 0.77 8.16
C SER E 59 32.35 -0.51 8.19
N GLY E 60 33.57 -0.38 8.72
CA GLY E 60 34.49 -1.50 8.80
C GLY E 60 35.30 -1.76 7.55
N VAL E 61 35.05 -1.05 6.47
CA VAL E 61 35.81 -1.23 5.23
C VAL E 61 37.14 -0.50 5.34
N PRO E 62 38.27 -1.14 5.02
CA PRO E 62 39.55 -0.43 5.07
C PRO E 62 39.54 0.79 4.18
N SER E 63 40.24 1.84 4.63
CA SER E 63 40.27 3.11 3.90
C SER E 63 41.00 3.02 2.58
N ARG E 64 41.72 1.92 2.31
CA ARG E 64 42.39 1.79 1.02
C ARG E 64 41.40 1.72 -0.13
N PHE E 65 40.21 1.16 0.11
CA PHE E 65 39.18 1.14 -0.93
C PHE E 65 38.66 2.55 -1.17
N SER E 66 38.48 2.89 -2.44
CA SER E 66 38.02 4.21 -2.83
C SER E 66 37.15 4.08 -4.08
N GLY E 67 36.32 5.09 -4.32
CA GLY E 67 35.40 5.04 -5.44
C GLY E 67 35.28 6.37 -6.14
N SER E 68 34.75 6.31 -7.36
CA SER E 68 34.55 7.47 -8.20
C SER E 68 33.51 7.12 -9.26
N GLY E 69 32.90 8.14 -9.84
CA GLY E 69 31.92 7.95 -10.89
C GLY E 69 30.69 8.82 -10.70
N SER E 70 30.08 9.20 -11.82
CA SER E 70 28.90 10.06 -11.82
C SER E 70 27.89 9.57 -12.84
N GLY E 71 27.71 8.26 -12.93
CA GLY E 71 26.80 7.67 -13.89
C GLY E 71 27.47 7.33 -15.20
N THR E 72 27.20 6.14 -15.72
CA THR E 72 27.77 5.62 -16.97
C THR E 72 29.26 5.32 -16.86
N ASP E 73 29.90 5.63 -15.72
CA ASP E 73 31.32 5.36 -15.56
C ASP E 73 31.66 5.41 -14.08
N PHE E 74 32.22 4.33 -13.56
CA PHE E 74 32.58 4.22 -12.16
C PHE E 74 33.90 3.48 -12.03
N THR E 75 34.59 3.71 -10.92
CA THR E 75 35.87 3.08 -10.67
C THR E 75 36.02 2.76 -9.19
N LEU E 76 36.63 1.60 -8.91
CA LEU E 76 36.98 1.19 -7.56
C LEU E 76 38.49 1.03 -7.54
N ILE E 77 39.15 1.70 -6.61
CA ILE E 77 40.61 1.73 -6.54
C ILE E 77 41.05 1.20 -5.18
N ILE E 78 42.02 0.29 -5.19
CA ILE E 78 42.65 -0.22 -3.98
C ILE E 78 44.09 0.27 -3.99
N SER E 79 44.44 1.10 -3.01
CA SER E 79 45.77 1.71 -3.00
C SER E 79 46.86 0.69 -2.73
N SER E 80 46.67 -0.18 -1.74
CA SER E 80 47.64 -1.21 -1.39
C SER E 80 46.91 -2.53 -1.20
N LEU E 81 47.06 -3.44 -2.15
CA LEU E 81 46.39 -4.74 -2.08
C LEU E 81 47.01 -5.58 -0.99
N GLN E 82 46.25 -5.82 0.07
CA GLN E 82 46.65 -6.79 1.08
C GLN E 82 46.22 -8.18 0.64
N ARG E 83 46.74 -9.19 1.34
CA ARG E 83 46.41 -10.57 0.96
C ARG E 83 44.93 -10.88 1.12
N GLU E 84 44.22 -10.15 1.99
CA GLU E 84 42.79 -10.38 2.19
C GLU E 84 41.91 -9.74 1.12
N ASP E 85 42.48 -8.96 0.20
CA ASP E 85 41.71 -8.27 -0.82
C ASP E 85 41.72 -8.97 -2.17
N PHE E 86 42.08 -10.26 -2.20
CA PHE E 86 42.07 -11.04 -3.43
C PHE E 86 40.76 -11.83 -3.48
N ALA E 87 39.79 -11.30 -4.21
CA ALA E 87 38.46 -11.90 -4.32
C ALA E 87 37.82 -11.38 -5.61
N THR E 88 36.52 -11.62 -5.75
CA THR E 88 35.76 -11.15 -6.90
C THR E 88 34.95 -9.91 -6.52
N TYR E 89 34.88 -8.96 -7.44
CA TYR E 89 34.22 -7.68 -7.20
C TYR E 89 33.11 -7.46 -8.21
N TYR E 90 31.90 -7.18 -7.70
CA TYR E 90 30.71 -6.98 -8.52
C TYR E 90 30.21 -5.55 -8.38
N CYS E 91 29.85 -4.93 -9.50
CA CYS E 91 29.26 -3.60 -9.51
C CYS E 91 27.76 -3.73 -9.79
N GLN E 92 26.95 -3.31 -8.82
CA GLN E 92 25.49 -3.41 -8.89
C GLN E 92 24.87 -2.03 -8.94
N GLN E 93 24.02 -1.80 -9.94
CA GLN E 93 23.25 -0.57 -10.03
C GLN E 93 21.91 -0.76 -9.32
N SER E 94 21.44 0.31 -8.68
CA SER E 94 20.16 0.29 -7.98
C SER E 94 19.26 1.44 -8.41
N TYR E 95 19.56 2.08 -9.53
CA TYR E 95 18.70 3.16 -10.02
C TYR E 95 17.33 2.64 -10.41
N SER E 96 17.27 1.47 -11.03
CA SER E 96 16.00 0.89 -11.46
C SER E 96 16.02 -0.61 -11.24
N THR E 97 14.98 -1.13 -10.59
CA THR E 97 14.81 -2.57 -10.49
C THR E 97 14.45 -3.11 -11.88
N PRO E 98 15.04 -4.24 -12.32
CA PRO E 98 16.01 -5.12 -11.64
C PRO E 98 17.40 -4.54 -11.35
N PRO E 99 17.96 -4.82 -10.17
CA PRO E 99 19.31 -4.37 -9.86
C PRO E 99 20.39 -5.25 -10.48
N THR E 100 20.77 -4.96 -11.71
CA THR E 100 21.79 -5.74 -12.40
C THR E 100 23.09 -5.74 -11.60
N PHE E 101 23.75 -6.90 -11.55
CA PHE E 101 24.94 -7.09 -10.74
C PHE E 101 26.26 -6.98 -11.49
N GLY E 102 26.25 -7.11 -12.82
CA GLY E 102 27.48 -6.99 -13.58
C GLY E 102 28.40 -8.18 -13.46
N GLN E 103 29.18 -8.45 -14.50
CA GLN E 103 30.13 -9.57 -14.49
C GLN E 103 31.30 -9.23 -13.56
N GLY E 104 31.55 -10.10 -12.59
CA GLY E 104 32.57 -9.82 -11.60
C GLY E 104 33.98 -9.83 -12.16
N THR E 105 34.88 -9.22 -11.39
CA THR E 105 36.30 -9.17 -11.70
C THR E 105 37.07 -9.93 -10.63
N LYS E 106 37.88 -10.90 -11.04
CA LYS E 106 38.66 -11.70 -10.11
C LYS E 106 40.10 -11.20 -10.08
N LEU E 107 40.63 -11.02 -8.88
CA LEU E 107 42.01 -10.57 -8.66
C LEU E 107 42.87 -11.77 -8.27
N GLU E 108 44.01 -11.93 -8.94
CA GLU E 108 44.89 -13.05 -8.72
C GLU E 108 46.29 -12.56 -8.37
N ILE E 109 46.94 -13.28 -7.45
CA ILE E 109 48.30 -12.94 -7.04
C ILE E 109 49.26 -13.21 -8.19
N LYS E 110 50.19 -12.29 -8.40
CA LYS E 110 51.19 -12.44 -9.47
C LYS E 110 52.52 -12.89 -8.88
#